data_3TH1
#
_entry.id   3TH1
#
_cell.length_a   97.570
_cell.length_b   97.570
_cell.length_c   423.600
_cell.angle_alpha   90.00
_cell.angle_beta   90.00
_cell.angle_gamma   120.00
#
_symmetry.space_group_name_H-M   'P 61 2 2'
#
loop_
_entity.id
_entity.type
_entity.pdbx_description
1 polymer 'Chlorocatechol 1,2-dioxygenase'
2 non-polymer 'FE (III) ION'
3 non-polymer 'DITHIANE DIOL'
4 non-polymer 1,2-DIACYL-GLYCEROL-3-SN-PHOSPHATE
5 non-polymer 'MAGNESIUM ION'
6 non-polymer 'ACETATE ION'
7 non-polymer GLYCEROL
8 water water
#
_entity_poly.entity_id   1
_entity_poly.type   'polypeptide(L)'
_entity_poly.pdbx_seq_one_letter_code
;MDKRVAEVAGAIVEAVRKILLDKRVTEAEYRAGVDYLTEVAQTRETALLLDVFLNSTIIEGKAQRSRTSAPAIQGPYFLE
GAPVVEGVLKTYDTDDHKPLIIRGTVRSDTGELLAGAVIDVWHSTPDGLYSGIHDNIPVDYYRGKLVTDSQGNYRVRTTM
PVPYQIPYEGPTGRLLGHLGSHTWRPAHVHFKVRKDGFEPLTTQYYFEGGKWVDDDCCHGVTPDLITPETIEDGVRVMTL
DFVIEREQAEQRKSATETVA
;
_entity_poly.pdbx_strand_id   A,B,C
#
# COMPACT_ATOMS: atom_id res chain seq x y z
N MET A 1 3.70 30.34 26.62
CA MET A 1 4.57 30.70 25.50
C MET A 1 5.47 29.53 25.12
N ASP A 2 5.12 28.86 24.03
CA ASP A 2 5.92 27.75 23.54
C ASP A 2 6.86 28.28 22.46
N LYS A 3 8.16 28.28 22.75
CA LYS A 3 9.13 28.91 21.86
C LYS A 3 8.93 28.48 20.41
N ARG A 4 8.84 27.18 20.18
CA ARG A 4 8.76 26.66 18.81
C ARG A 4 7.38 26.82 18.17
N VAL A 5 6.32 26.46 18.89
CA VAL A 5 4.97 26.66 18.39
C VAL A 5 4.85 28.10 17.94
N ALA A 6 5.45 28.99 18.71
CA ALA A 6 5.37 30.43 18.45
C ALA A 6 6.29 30.81 17.30
N GLU A 7 7.34 30.03 17.07
CA GLU A 7 8.19 30.28 15.90
C GLU A 7 7.51 29.87 14.61
N VAL A 8 7.02 28.64 14.56
CA VAL A 8 6.45 28.06 13.35
C VAL A 8 5.03 28.50 13.08
N ALA A 9 4.19 28.53 14.11
CA ALA A 9 2.82 28.99 13.95
C ALA A 9 2.83 30.47 13.57
N GLY A 10 3.64 31.24 14.28
CA GLY A 10 3.77 32.65 13.98
C GLY A 10 4.18 32.89 12.55
N ALA A 11 5.27 32.24 12.14
CA ALA A 11 5.81 32.40 10.79
C ALA A 11 4.72 32.25 9.73
N ILE A 12 3.82 31.30 9.95
CA ILE A 12 2.70 31.06 9.06
C ILE A 12 1.69 32.20 9.07
N VAL A 13 1.26 32.58 10.28
CA VAL A 13 0.31 33.67 10.44
C VAL A 13 0.84 34.92 9.73
N GLU A 14 2.08 35.29 10.04
CA GLU A 14 2.70 36.45 9.41
C GLU A 14 2.71 36.31 7.89
N ALA A 15 2.92 35.09 7.41
CA ALA A 15 3.06 34.84 5.98
C ALA A 15 1.74 34.83 5.22
N VAL A 16 0.66 34.40 5.87
CA VAL A 16 -0.65 34.36 5.22
C VAL A 16 -1.26 35.76 5.15
N ARG A 17 -1.04 36.55 6.19
CA ARG A 17 -1.50 37.94 6.20
C ARG A 17 -0.99 38.68 4.97
N LYS A 18 0.29 38.49 4.67
CA LYS A 18 0.89 39.15 3.52
C LYS A 18 0.06 38.89 2.27
N ILE A 19 -0.24 37.62 2.03
CA ILE A 19 -1.03 37.21 0.88
C ILE A 19 -2.40 37.88 0.91
N LEU A 20 -3.02 37.88 2.08
CA LEU A 20 -4.33 38.49 2.26
C LEU A 20 -4.32 39.95 1.82
N LEU A 21 -3.19 40.60 2.03
CA LEU A 21 -3.02 41.98 1.59
C LEU A 21 -2.66 42.06 0.11
N ASP A 22 -1.51 41.50 -0.26
CA ASP A 22 -1.01 41.58 -1.63
C ASP A 22 -2.04 41.19 -2.69
N LYS A 23 -2.64 40.02 -2.55
CA LYS A 23 -3.65 39.56 -3.50
C LYS A 23 -4.95 40.35 -3.32
N ARG A 24 -4.97 41.21 -2.31
CA ARG A 24 -6.11 42.08 -2.06
C ARG A 24 -7.41 41.31 -1.88
N VAL A 25 -7.41 40.38 -0.94
CA VAL A 25 -8.59 39.60 -0.63
C VAL A 25 -9.65 40.47 0.05
N THR A 26 -10.83 40.46 -0.54
CA THR A 26 -11.98 41.22 -0.06
C THR A 26 -12.61 40.60 1.18
N GLU A 27 -13.37 41.42 1.89
CA GLU A 27 -14.21 40.97 2.98
C GLU A 27 -15.02 39.75 2.55
N ALA A 28 -15.61 39.84 1.36
CA ALA A 28 -16.51 38.82 0.83
C ALA A 28 -15.79 37.54 0.41
N GLU A 29 -14.55 37.69 -0.07
CA GLU A 29 -13.72 36.52 -0.35
C GLU A 29 -13.34 35.82 0.94
N TYR A 30 -12.86 36.59 1.92
CA TYR A 30 -12.45 36.04 3.20
C TYR A 30 -13.52 35.14 3.80
N ARG A 31 -14.76 35.61 3.77
CA ARG A 31 -15.88 34.79 4.25
C ARG A 31 -15.90 33.50 3.44
N ALA A 32 -15.94 33.65 2.12
CA ALA A 32 -16.02 32.50 1.22
C ALA A 32 -14.95 31.49 1.58
N GLY A 33 -13.75 31.98 1.87
CA GLY A 33 -12.64 31.13 2.27
C GLY A 33 -12.89 30.47 3.60
N VAL A 34 -13.22 31.26 4.62
CA VAL A 34 -13.52 30.73 5.94
C VAL A 34 -14.71 29.78 5.87
N ASP A 35 -15.72 30.16 5.10
CA ASP A 35 -16.88 29.30 4.93
C ASP A 35 -16.46 27.96 4.34
N TYR A 36 -15.45 27.98 3.47
CA TYR A 36 -14.93 26.76 2.86
C TYR A 36 -14.30 25.84 3.89
N LEU A 37 -13.41 26.40 4.70
CA LEU A 37 -12.62 25.63 5.66
C LEU A 37 -13.46 25.05 6.80
N THR A 38 -14.64 25.65 7.04
CA THR A 38 -15.55 25.08 8.02
C THR A 38 -16.23 23.87 7.40
N GLU A 39 -16.47 23.93 6.09
CA GLU A 39 -16.95 22.76 5.37
C GLU A 39 -15.89 21.68 5.52
N VAL A 40 -14.65 22.03 5.18
CA VAL A 40 -13.54 21.10 5.34
C VAL A 40 -13.52 20.50 6.74
N ALA A 41 -13.71 21.35 7.76
CA ALA A 41 -13.83 20.89 9.13
C ALA A 41 -15.08 20.05 9.32
N GLN A 42 -16.21 20.51 8.79
CA GLN A 42 -17.48 19.79 8.87
C GLN A 42 -17.39 18.41 8.26
N THR A 43 -16.62 18.29 7.19
CA THR A 43 -16.56 17.07 6.40
C THR A 43 -15.51 16.11 6.95
N ARG A 44 -14.91 16.51 8.08
CA ARG A 44 -13.87 15.73 8.73
C ARG A 44 -12.66 15.57 7.80
N GLU A 45 -12.56 16.50 6.85
CA GLU A 45 -11.49 16.48 5.86
C GLU A 45 -10.31 17.36 6.26
N THR A 46 -10.38 17.94 7.45
CA THR A 46 -9.35 18.88 7.93
C THR A 46 -7.94 18.34 7.75
N ALA A 47 -7.70 17.13 8.22
CA ALA A 47 -6.36 16.53 8.12
C ALA A 47 -6.02 16.21 6.67
N LEU A 48 -6.96 15.59 5.97
CA LEU A 48 -6.79 15.27 4.56
C LEU A 48 -6.29 16.48 3.80
N LEU A 49 -7.09 17.53 3.80
CA LEU A 49 -6.78 18.76 3.06
C LEU A 49 -5.34 19.18 3.30
N LEU A 50 -4.88 19.10 4.55
CA LEU A 50 -3.51 19.42 4.90
C LEU A 50 -2.53 18.44 4.27
N ASP A 51 -2.81 17.15 4.41
CA ASP A 51 -1.93 16.10 3.92
C ASP A 51 -1.60 16.26 2.45
N VAL A 52 -2.55 16.80 1.70
CA VAL A 52 -2.43 16.88 0.24
C VAL A 52 -1.38 17.90 -0.22
N PHE A 53 -1.44 19.11 0.29
CA PHE A 53 -0.55 20.18 -0.14
C PHE A 53 0.74 20.32 0.69
N LEU A 54 0.81 19.59 1.81
CA LEU A 54 1.87 19.77 2.80
C LEU A 54 2.74 18.53 3.06
N ASN A 55 2.11 17.45 3.51
CA ASN A 55 2.80 16.26 3.97
C ASN A 55 3.94 15.83 3.03
N SER A 56 3.71 15.95 1.73
CA SER A 56 4.73 15.59 0.74
C SER A 56 5.96 16.49 0.86
N THR A 57 5.75 17.76 1.20
CA THR A 57 6.86 18.67 1.42
C THR A 57 7.63 18.30 2.69
N ILE A 58 6.91 17.79 3.68
CA ILE A 58 7.51 17.46 4.97
C ILE A 58 8.41 16.21 4.88
N ILE A 59 8.16 15.37 3.88
CA ILE A 59 9.05 14.26 3.60
C ILE A 59 10.33 14.79 2.96
N GLU A 60 10.18 15.66 1.97
CA GLU A 60 11.33 16.25 1.30
C GLU A 60 12.27 16.85 2.32
N GLY A 61 11.70 17.33 3.42
CA GLY A 61 12.48 17.84 4.53
C GLY A 61 13.27 16.77 5.26
N LYS A 62 12.56 15.74 5.71
CA LYS A 62 13.18 14.67 6.50
C LYS A 62 14.19 13.88 5.70
N ALA A 63 13.94 13.76 4.39
CA ALA A 63 14.84 13.02 3.51
C ALA A 63 16.14 13.79 3.31
N GLN A 64 16.10 15.11 3.55
CA GLN A 64 17.29 15.94 3.53
C GLN A 64 18.08 15.85 4.83
N ARG A 65 17.36 15.68 5.94
CA ARG A 65 17.95 15.79 7.27
C ARG A 65 18.39 14.44 7.87
N SER A 66 18.29 13.37 7.09
CA SER A 66 18.63 12.03 7.60
C SER A 66 19.09 11.04 6.52
N ARG A 67 19.69 9.94 6.99
CA ARG A 67 20.16 8.87 6.11
C ARG A 67 19.32 7.60 6.29
N THR A 68 18.54 7.28 5.27
CA THR A 68 17.62 6.13 5.30
C THR A 68 17.28 5.68 3.90
N SER A 69 16.73 4.48 3.75
CA SER A 69 16.09 4.12 2.50
C SER A 69 15.01 5.16 2.33
N ALA A 70 14.68 5.50 1.09
CA ALA A 70 13.77 6.60 0.85
C ALA A 70 12.49 6.50 1.68
N PRO A 71 12.16 7.59 2.40
CA PRO A 71 10.94 7.83 3.16
C PRO A 71 9.79 8.17 2.20
N ALA A 72 8.56 8.10 2.69
CA ALA A 72 7.39 8.53 1.92
C ALA A 72 6.32 8.98 2.91
N ILE A 73 5.32 9.70 2.43
CA ILE A 73 4.22 10.14 3.28
C ILE A 73 3.56 8.93 3.92
N GLN A 74 3.10 9.07 5.15
CA GLN A 74 2.50 7.96 5.89
C GLN A 74 1.08 7.56 5.44
N GLY A 75 0.18 8.53 5.37
CA GLY A 75 -1.21 8.26 5.01
C GLY A 75 -2.08 7.92 6.22
N PRO A 76 -3.38 8.20 6.11
CA PRO A 76 -4.38 8.01 7.17
C PRO A 76 -4.67 6.55 7.56
N TYR A 77 -4.29 5.58 6.73
CA TYR A 77 -4.80 4.22 6.90
C TYR A 77 -3.95 3.25 7.74
N PHE A 78 -2.87 3.74 8.32
CA PHE A 78 -2.12 2.91 9.25
C PHE A 78 -2.86 2.68 10.57
N LEU A 79 -3.01 1.42 10.92
CA LEU A 79 -3.51 1.05 12.23
C LEU A 79 -2.45 0.23 12.94
N GLU A 80 -2.17 0.57 14.19
CA GLU A 80 -1.28 -0.25 15.01
C GLU A 80 -2.00 -1.51 15.47
N GLY A 81 -1.24 -2.52 15.85
CA GLY A 81 -1.81 -3.74 16.36
C GLY A 81 -1.96 -4.78 15.28
N ALA A 82 -1.30 -4.54 14.16
CA ALA A 82 -1.25 -5.51 13.07
C ALA A 82 -0.62 -6.81 13.59
N PRO A 83 -1.12 -7.95 13.14
CA PRO A 83 -0.65 -9.28 13.53
C PRO A 83 0.71 -9.62 12.92
N VAL A 84 1.57 -10.29 13.68
CA VAL A 84 2.86 -10.74 13.14
C VAL A 84 2.64 -11.99 12.30
N VAL A 85 3.37 -12.07 11.19
CA VAL A 85 3.17 -13.10 10.19
C VAL A 85 4.51 -13.66 9.70
N GLU A 86 4.52 -14.92 9.27
CA GLU A 86 5.77 -15.62 8.93
C GLU A 86 6.53 -15.09 7.71
N GLY A 87 5.88 -15.04 6.55
CA GLY A 87 4.48 -15.38 6.44
C GLY A 87 3.74 -15.02 5.17
N VAL A 88 2.43 -14.89 5.34
CA VAL A 88 1.52 -14.49 4.29
C VAL A 88 0.55 -13.53 4.94
N LEU A 89 0.09 -12.53 4.21
CA LEU A 89 -0.92 -11.62 4.73
C LEU A 89 -2.31 -12.21 4.49
N LYS A 90 -3.21 -12.04 5.45
CA LYS A 90 -4.56 -12.58 5.30
C LYS A 90 -5.29 -11.71 4.28
N THR A 91 -5.74 -12.34 3.21
CA THR A 91 -6.46 -11.63 2.15
C THR A 91 -7.61 -12.50 1.68
N TYR A 92 -8.58 -11.89 1.02
CA TYR A 92 -9.75 -12.62 0.54
C TYR A 92 -9.45 -13.49 -0.69
N ASP A 93 -10.03 -14.68 -0.70
CA ASP A 93 -9.72 -15.74 -1.66
C ASP A 93 -10.11 -15.41 -3.10
N THR A 94 -10.79 -14.28 -3.29
CA THR A 94 -11.50 -13.96 -4.52
C THR A 94 -10.66 -13.84 -5.80
N ASP A 95 -11.34 -14.02 -6.93
CA ASP A 95 -10.75 -14.04 -8.26
C ASP A 95 -9.86 -12.84 -8.61
N ASP A 96 -10.28 -11.65 -8.20
CA ASP A 96 -9.69 -10.40 -8.70
C ASP A 96 -8.41 -9.97 -7.99
N HIS A 97 -7.95 -10.76 -7.02
CA HIS A 97 -6.67 -10.55 -6.35
C HIS A 97 -5.53 -11.13 -7.19
N LYS A 98 -4.52 -10.31 -7.48
CA LYS A 98 -3.28 -10.77 -8.11
C LYS A 98 -2.13 -10.89 -7.10
N PRO A 99 -1.44 -12.03 -7.08
CA PRO A 99 -0.33 -12.26 -6.15
C PRO A 99 0.79 -11.24 -6.28
N LEU A 100 1.25 -10.77 -5.13
CA LEU A 100 2.40 -9.86 -5.04
C LEU A 100 3.36 -10.43 -4.00
N ILE A 101 4.66 -10.31 -4.24
CA ILE A 101 5.63 -10.87 -3.31
C ILE A 101 6.67 -9.84 -2.90
N ILE A 102 6.97 -9.80 -1.61
CA ILE A 102 7.85 -8.77 -1.08
C ILE A 102 9.01 -9.37 -0.28
N ARG A 103 10.21 -9.20 -0.82
CA ARG A 103 11.40 -9.75 -0.19
C ARG A 103 12.32 -8.61 0.20
N GLY A 104 13.45 -8.95 0.83
CA GLY A 104 14.44 -7.92 1.11
C GLY A 104 15.22 -8.09 2.40
N THR A 105 15.88 -7.00 2.78
CA THR A 105 16.63 -6.95 4.02
C THR A 105 16.41 -5.60 4.70
N VAL A 106 16.30 -5.62 6.03
CA VAL A 106 16.35 -4.41 6.83
C VAL A 106 17.76 -4.28 7.38
N ARG A 107 18.31 -3.08 7.36
CA ARG A 107 19.66 -2.90 7.89
C ARG A 107 19.94 -1.49 8.39
N SER A 108 21.00 -1.37 9.19
CA SER A 108 21.41 -0.09 9.76
C SER A 108 22.05 0.83 8.72
N ASP A 109 22.05 2.12 9.03
CA ASP A 109 22.68 3.12 8.16
C ASP A 109 24.20 2.97 8.19
N THR A 110 24.67 2.19 9.16
CA THR A 110 26.10 1.90 9.28
C THR A 110 26.42 0.59 8.58
N GLY A 111 25.39 -0.03 8.01
CA GLY A 111 25.55 -1.21 7.18
C GLY A 111 25.17 -2.56 7.78
N GLU A 112 25.13 -2.67 9.10
CA GLU A 112 24.90 -3.96 9.73
C GLU A 112 23.46 -4.46 9.54
N LEU A 113 23.33 -5.68 9.02
CA LEU A 113 22.02 -6.29 8.87
C LEU A 113 21.40 -6.39 10.25
N LEU A 114 20.19 -5.85 10.38
CA LEU A 114 19.49 -5.87 11.65
C LEU A 114 18.55 -7.07 11.69
N ALA A 115 18.49 -7.70 12.85
CA ALA A 115 17.61 -8.84 13.06
C ALA A 115 16.55 -8.48 14.10
N GLY A 116 15.40 -9.13 14.02
CA GLY A 116 14.32 -8.84 14.94
C GLY A 116 13.75 -7.45 14.72
N ALA A 117 13.98 -6.90 13.53
CA ALA A 117 13.35 -5.65 13.16
C ALA A 117 11.90 -5.96 12.81
N VAL A 118 11.00 -5.05 13.18
CA VAL A 118 9.59 -5.25 12.87
C VAL A 118 9.20 -4.40 11.67
N ILE A 119 8.83 -5.06 10.58
CA ILE A 119 8.40 -4.37 9.39
C ILE A 119 6.88 -4.38 9.36
N ASP A 120 6.28 -3.22 9.55
CA ASP A 120 4.83 -3.09 9.58
C ASP A 120 4.33 -2.73 8.20
N VAL A 121 3.50 -3.60 7.64
CA VAL A 121 2.99 -3.42 6.28
C VAL A 121 1.47 -3.33 6.21
N TRP A 122 0.97 -2.43 5.38
CA TRP A 122 -0.45 -2.34 5.08
C TRP A 122 -0.69 -1.84 3.65
N HIS A 123 -1.72 -2.37 2.98
CA HIS A 123 -2.02 -1.97 1.61
C HIS A 123 -3.48 -2.22 1.21
N SER A 124 -3.91 -1.57 0.13
CA SER A 124 -5.31 -1.58 -0.27
C SER A 124 -5.83 -2.90 -0.83
N THR A 125 -7.08 -3.21 -0.49
CA THR A 125 -7.80 -4.31 -1.11
C THR A 125 -7.90 -3.97 -2.59
N PRO A 126 -8.15 -4.97 -3.44
CA PRO A 126 -8.22 -4.71 -4.89
C PRO A 126 -9.15 -3.53 -5.21
N ASP A 127 -10.07 -3.22 -4.31
CA ASP A 127 -11.01 -2.12 -4.51
C ASP A 127 -10.42 -0.73 -4.24
N GLY A 128 -9.38 -0.67 -3.41
CA GLY A 128 -8.86 0.60 -2.94
C GLY A 128 -9.27 0.90 -1.50
N LEU A 129 -9.84 -0.10 -0.86
CA LEU A 129 -10.26 0.00 0.54
C LEU A 129 -9.16 -0.57 1.44
N TYR A 130 -8.96 0.06 2.59
CA TYR A 130 -8.02 -0.46 3.57
C TYR A 130 -8.80 -1.18 4.68
N SER A 131 -8.21 -2.24 5.22
CA SER A 131 -8.87 -3.08 6.21
C SER A 131 -9.19 -2.40 7.52
N GLY A 132 -10.41 -2.64 8.02
CA GLY A 132 -10.81 -2.21 9.33
C GLY A 132 -11.20 -0.75 9.30
N ILE A 133 -10.72 -0.07 8.27
CA ILE A 133 -11.14 1.30 8.00
C ILE A 133 -12.28 1.45 6.96
N HIS A 134 -12.63 0.36 6.27
CA HIS A 134 -13.60 0.41 5.18
C HIS A 134 -14.62 -0.73 5.14
N ASP A 135 -15.91 -0.42 5.01
CA ASP A 135 -16.91 -1.41 4.60
C ASP A 135 -16.94 -2.79 5.28
N ASN A 136 -17.01 -2.85 6.61
CA ASN A 136 -16.95 -4.14 7.31
C ASN A 136 -15.84 -5.12 6.88
N ILE A 137 -14.61 -4.62 6.83
CA ILE A 137 -13.41 -5.40 6.58
C ILE A 137 -12.55 -5.71 7.79
N PRO A 138 -12.35 -7.00 8.08
CA PRO A 138 -11.57 -7.45 9.24
C PRO A 138 -10.19 -6.80 9.26
N VAL A 139 -9.69 -6.49 10.46
CA VAL A 139 -8.44 -5.74 10.59
C VAL A 139 -7.20 -6.59 10.37
N ASP A 140 -7.30 -7.89 10.63
CA ASP A 140 -6.16 -8.78 10.40
C ASP A 140 -5.93 -8.98 8.92
N TYR A 141 -6.85 -8.46 8.12
CA TYR A 141 -6.75 -8.54 6.66
C TYR A 141 -5.94 -7.39 6.06
N TYR A 142 -5.17 -7.71 5.02
CA TYR A 142 -4.38 -6.72 4.30
C TYR A 142 -3.52 -5.89 5.24
N ARG A 143 -3.06 -6.51 6.32
CA ARG A 143 -2.16 -5.88 7.27
C ARG A 143 -1.31 -6.95 7.93
N GLY A 144 -0.11 -6.58 8.37
CA GLY A 144 0.74 -7.52 9.04
C GLY A 144 2.06 -6.96 9.52
N LYS A 145 2.69 -7.70 10.43
CA LYS A 145 4.02 -7.35 10.89
C LYS A 145 4.99 -8.41 10.43
N LEU A 146 6.10 -7.96 9.83
CA LEU A 146 7.15 -8.86 9.41
C LEU A 146 8.33 -8.67 10.34
N VAL A 147 8.98 -9.76 10.71
CA VAL A 147 10.11 -9.68 11.62
C VAL A 147 11.36 -10.29 10.99
N THR A 148 12.35 -9.43 10.75
CA THR A 148 13.57 -9.88 10.10
C THR A 148 14.28 -10.96 10.92
N ASP A 149 14.76 -11.96 10.21
CA ASP A 149 15.44 -13.10 10.82
C ASP A 149 16.91 -12.80 11.11
N SER A 150 17.65 -13.87 11.45
CA SER A 150 19.07 -13.78 11.77
C SER A 150 19.91 -13.07 10.70
N GLN A 151 19.47 -13.14 9.44
CA GLN A 151 20.19 -12.46 8.37
C GLN A 151 19.63 -11.07 8.06
N GLY A 152 18.60 -10.66 8.80
CA GLY A 152 17.96 -9.39 8.52
C GLY A 152 17.12 -9.46 7.26
N ASN A 153 16.65 -10.66 6.94
CA ASN A 153 15.82 -10.88 5.77
C ASN A 153 14.35 -11.00 6.11
N TYR A 154 13.52 -10.51 5.21
CA TYR A 154 12.07 -10.65 5.36
C TYR A 154 11.49 -11.00 4.00
N ARG A 155 10.47 -11.84 4.03
CA ARG A 155 9.73 -12.17 2.83
C ARG A 155 8.27 -12.40 3.20
N VAL A 156 7.36 -11.90 2.37
CA VAL A 156 5.94 -12.05 2.65
C VAL A 156 5.16 -12.19 1.36
N ARG A 157 4.16 -13.05 1.37
CA ARG A 157 3.29 -13.18 0.20
C ARG A 157 1.97 -12.50 0.47
N THR A 158 1.50 -11.76 -0.52
CA THR A 158 0.31 -10.93 -0.37
C THR A 158 -0.35 -10.66 -1.72
N THR A 159 -1.59 -10.17 -1.68
CA THR A 159 -2.30 -9.71 -2.86
C THR A 159 -1.86 -8.30 -3.30
N MET A 160 -2.05 -7.99 -4.58
CA MET A 160 -1.73 -6.67 -5.14
C MET A 160 -2.65 -5.55 -4.65
N PRO A 161 -2.09 -4.34 -4.46
CA PRO A 161 -2.89 -3.13 -4.22
C PRO A 161 -3.28 -2.45 -5.53
N VAL A 162 -4.00 -1.34 -5.41
CA VAL A 162 -4.61 -0.66 -6.55
C VAL A 162 -4.62 0.83 -6.34
N PRO A 163 -4.68 1.63 -7.42
CA PRO A 163 -4.77 3.06 -7.17
C PRO A 163 -6.12 3.36 -6.53
N TYR A 164 -6.15 4.38 -5.68
CA TYR A 164 -7.40 4.83 -5.10
C TYR A 164 -7.41 6.34 -5.02
N GLN A 165 -8.60 6.92 -5.04
CA GLN A 165 -8.73 8.36 -4.94
C GLN A 165 -9.07 8.78 -3.51
N ILE A 166 -8.52 9.91 -3.10
CA ILE A 166 -8.87 10.52 -1.83
C ILE A 166 -10.32 10.99 -1.96
N PRO A 167 -11.00 11.25 -0.82
CA PRO A 167 -12.45 11.39 -0.99
C PRO A 167 -12.75 12.54 -1.94
N TYR A 168 -13.51 12.24 -2.98
CA TYR A 168 -13.71 13.19 -4.08
C TYR A 168 -15.02 13.99 -4.03
N GLU A 169 -15.88 13.69 -3.07
CA GLU A 169 -17.20 14.31 -3.02
C GLU A 169 -17.20 15.62 -2.24
N GLY A 170 -16.12 15.88 -1.53
CA GLY A 170 -16.07 16.97 -0.57
C GLY A 170 -15.30 18.20 -1.01
N PRO A 171 -15.15 19.17 -0.09
CA PRO A 171 -14.53 20.48 -0.32
C PRO A 171 -13.09 20.37 -0.81
N THR A 172 -12.36 19.36 -0.34
CA THR A 172 -10.99 19.16 -0.79
C THR A 172 -10.97 18.78 -2.27
N GLY A 173 -11.75 17.75 -2.62
CA GLY A 173 -11.84 17.32 -4.00
C GLY A 173 -11.98 18.38 -5.09
N ARG A 174 -13.00 19.21 -4.93
CA ARG A 174 -13.25 20.35 -5.80
C ARG A 174 -12.13 21.38 -5.70
N LEU A 175 -11.62 21.58 -4.49
CA LEU A 175 -10.58 22.59 -4.29
C LEU A 175 -9.39 22.22 -5.13
N LEU A 176 -9.09 20.92 -5.18
CA LEU A 176 -8.07 20.42 -6.08
C LEU A 176 -8.56 20.71 -7.49
N GLY A 177 -9.86 20.55 -7.71
CA GLY A 177 -10.46 20.82 -8.99
C GLY A 177 -10.09 22.21 -9.46
N HIS A 178 -10.27 23.21 -8.61
CA HIS A 178 -9.96 24.60 -8.94
C HIS A 178 -8.47 24.80 -9.15
N LEU A 179 -7.66 23.96 -8.51
CA LEU A 179 -6.21 24.07 -8.57
C LEU A 179 -5.63 23.26 -9.73
N GLY A 180 -6.51 22.67 -10.53
CA GLY A 180 -6.11 21.97 -11.75
C GLY A 180 -5.45 20.62 -11.50
N SER A 181 -5.73 20.05 -10.34
CA SER A 181 -5.24 18.74 -9.98
C SER A 181 -6.44 17.80 -9.87
N HIS A 182 -6.19 16.56 -9.46
CA HIS A 182 -7.23 15.54 -9.36
C HIS A 182 -7.27 14.89 -7.98
N THR A 183 -8.10 13.87 -7.82
CA THR A 183 -8.16 13.10 -6.58
C THR A 183 -7.38 11.77 -6.54
N TRP A 184 -6.67 11.42 -7.61
CA TRP A 184 -6.10 10.07 -7.75
C TRP A 184 -4.66 9.88 -7.26
N ARG A 185 -4.42 8.74 -6.60
CA ARG A 185 -3.06 8.34 -6.22
C ARG A 185 -2.69 7.03 -6.91
N PRO A 186 -1.40 6.85 -7.23
CA PRO A 186 -0.99 5.57 -7.82
C PRO A 186 -1.02 4.46 -6.78
N ALA A 187 -1.06 3.20 -7.22
CA ALA A 187 -1.07 2.08 -6.30
C ALA A 187 0.27 2.00 -5.54
N HIS A 188 0.20 1.68 -4.26
CA HIS A 188 1.37 1.67 -3.40
C HIS A 188 1.20 0.70 -2.25
N VAL A 189 2.31 0.27 -1.67
CA VAL A 189 2.28 -0.55 -0.46
C VAL A 189 3.00 0.15 0.69
N HIS A 190 2.39 0.09 1.87
CA HIS A 190 2.83 0.85 3.04
C HIS A 190 3.76 0.08 3.98
N PHE A 191 4.94 0.65 4.22
CA PHE A 191 5.88 0.05 5.19
C PHE A 191 6.27 0.99 6.32
N LYS A 192 6.27 0.46 7.53
CA LYS A 192 6.82 1.15 8.68
C LYS A 192 7.80 0.20 9.37
N VAL A 193 9.09 0.54 9.34
CA VAL A 193 10.12 -0.32 9.90
C VAL A 193 10.64 0.29 11.19
N ARG A 194 10.46 -0.43 12.29
N ARG A 194 10.45 -0.41 12.29
CA ARG A 194 10.97 0.00 13.58
CA ARG A 194 11.01 0.04 13.56
C ARG A 194 11.75 -1.12 14.25
C ARG A 194 11.75 -1.10 14.27
N LYS A 195 13.00 -0.84 14.61
CA LYS A 195 13.78 -1.74 15.44
C LYS A 195 13.93 -1.07 16.79
N ASP A 196 13.85 -1.85 17.86
CA ASP A 196 13.69 -1.25 19.19
C ASP A 196 14.83 -0.31 19.53
N GLY A 197 15.89 -0.36 18.73
CA GLY A 197 17.02 0.53 18.92
C GLY A 197 17.06 1.75 18.00
N PHE A 198 16.23 1.77 16.96
CA PHE A 198 16.38 2.77 15.88
C PHE A 198 15.15 3.65 15.63
N GLU A 199 15.39 4.76 14.94
CA GLU A 199 14.35 5.67 14.47
C GLU A 199 13.42 4.97 13.49
N PRO A 200 12.11 5.12 13.68
CA PRO A 200 11.14 4.51 12.78
C PRO A 200 11.30 5.03 11.35
N LEU A 201 11.23 4.12 10.38
CA LEU A 201 11.18 4.53 8.98
C LEU A 201 9.81 4.23 8.39
N THR A 202 9.09 5.27 8.01
CA THR A 202 7.78 5.09 7.38
C THR A 202 7.85 5.51 5.92
N THR A 203 7.41 4.63 5.04
CA THR A 203 7.44 4.87 3.61
C THR A 203 6.41 4.02 2.89
N GLN A 204 6.14 4.41 1.64
CA GLN A 204 5.34 3.59 0.74
C GLN A 204 6.07 3.46 -0.59
N TYR A 205 5.77 2.41 -1.33
CA TYR A 205 6.42 2.13 -2.62
C TYR A 205 5.43 1.90 -3.77
N TYR A 206 5.73 2.48 -4.92
CA TYR A 206 4.84 2.36 -6.08
C TYR A 206 5.39 1.40 -7.12
N PHE A 207 4.62 1.21 -8.19
CA PHE A 207 4.93 0.25 -9.24
C PHE A 207 5.26 0.93 -10.57
N GLU A 208 6.43 0.63 -11.12
CA GLU A 208 6.86 1.25 -12.37
C GLU A 208 5.79 1.04 -13.43
N GLY A 209 5.35 2.13 -14.05
CA GLY A 209 4.36 2.05 -15.10
C GLY A 209 2.92 2.16 -14.66
N GLY A 210 2.67 1.99 -13.36
CA GLY A 210 1.31 2.05 -12.84
C GLY A 210 0.67 3.39 -13.13
N LYS A 211 -0.66 3.41 -13.22
CA LYS A 211 -1.36 4.66 -13.47
C LYS A 211 -1.14 5.63 -12.32
N TRP A 212 -1.08 6.92 -12.64
CA TRP A 212 -1.02 7.96 -11.62
C TRP A 212 0.35 8.15 -10.97
N VAL A 213 1.32 7.32 -11.33
CA VAL A 213 2.67 7.49 -10.78
C VAL A 213 3.27 8.82 -11.24
N ASP A 214 2.89 9.28 -12.43
CA ASP A 214 3.30 10.58 -12.92
C ASP A 214 2.53 11.69 -12.20
N ASP A 215 1.20 11.56 -12.21
CA ASP A 215 0.37 12.52 -11.51
C ASP A 215 -0.14 11.86 -10.25
N ASP A 216 0.42 12.29 -9.12
CA ASP A 216 -0.10 11.91 -7.83
C ASP A 216 -0.71 13.20 -7.31
N CYS A 217 -1.94 13.12 -6.81
CA CYS A 217 -2.67 14.32 -6.40
C CYS A 217 -2.03 14.91 -5.16
N CYS A 218 -1.65 14.05 -4.23
CA CYS A 218 -0.61 14.39 -3.27
C CYS A 218 0.67 14.24 -4.08
N HIS A 219 1.74 14.89 -3.68
CA HIS A 219 2.96 14.92 -4.48
C HIS A 219 4.01 13.84 -4.12
N GLY A 220 3.64 12.91 -3.25
CA GLY A 220 4.59 12.06 -2.54
C GLY A 220 5.19 10.83 -3.23
N VAL A 221 5.15 10.77 -4.56
CA VAL A 221 5.89 9.75 -5.30
C VAL A 221 7.27 10.29 -5.71
N THR A 222 8.33 9.50 -5.50
CA THR A 222 9.67 9.93 -5.89
C THR A 222 10.48 8.78 -6.48
N PRO A 223 11.45 9.09 -7.34
CA PRO A 223 12.04 8.05 -8.20
C PRO A 223 12.40 6.77 -7.46
N ASP A 224 13.02 6.90 -6.29
CA ASP A 224 13.45 5.75 -5.51
C ASP A 224 12.27 4.85 -5.17
N LEU A 225 11.11 5.46 -4.95
CA LEU A 225 9.94 4.74 -4.44
C LEU A 225 9.21 4.03 -5.57
N ILE A 226 9.71 4.21 -6.79
CA ILE A 226 9.23 3.44 -7.92
C ILE A 226 10.03 2.16 -8.05
N THR A 227 9.36 1.03 -7.88
CA THR A 227 10.00 -0.26 -8.06
C THR A 227 9.91 -0.68 -9.52
N PRO A 228 10.96 -1.34 -10.03
CA PRO A 228 10.95 -1.83 -11.40
C PRO A 228 9.96 -2.98 -11.50
N GLU A 229 9.55 -3.30 -12.73
CA GLU A 229 8.53 -4.32 -12.93
C GLU A 229 9.23 -5.65 -13.13
N THR A 230 9.07 -6.53 -12.14
CA THR A 230 9.73 -7.83 -12.16
C THR A 230 8.76 -8.90 -11.70
N ILE A 231 8.56 -9.90 -12.55
CA ILE A 231 7.72 -11.03 -12.21
C ILE A 231 8.55 -12.29 -12.01
N GLU A 232 8.07 -13.14 -11.12
CA GLU A 232 8.66 -14.47 -10.96
C GLU A 232 7.53 -15.50 -10.92
N ASP A 233 7.56 -16.43 -11.87
CA ASP A 233 6.47 -17.38 -12.03
C ASP A 233 5.14 -16.66 -12.21
N GLY A 234 5.18 -15.50 -12.87
CA GLY A 234 3.98 -14.71 -13.07
C GLY A 234 3.47 -14.15 -11.74
N VAL A 235 4.40 -13.77 -10.87
CA VAL A 235 4.05 -13.15 -9.60
C VAL A 235 4.90 -11.88 -9.40
N ARG A 236 4.24 -10.73 -9.37
CA ARG A 236 4.94 -9.45 -9.23
C ARG A 236 5.78 -9.46 -7.97
N VAL A 237 7.02 -8.97 -8.07
CA VAL A 237 7.91 -8.99 -6.92
C VAL A 237 8.50 -7.63 -6.59
N MET A 238 8.46 -7.31 -5.30
N MET A 238 8.47 -7.31 -5.30
CA MET A 238 9.12 -6.12 -4.78
CA MET A 238 9.13 -6.12 -4.79
C MET A 238 10.31 -6.55 -3.92
C MET A 238 10.30 -6.53 -3.92
N THR A 239 11.50 -6.11 -4.31
CA THR A 239 12.70 -6.36 -3.51
C THR A 239 13.13 -5.02 -2.92
N LEU A 240 12.96 -4.89 -1.61
CA LEU A 240 13.17 -3.61 -0.94
C LEU A 240 14.15 -3.79 0.20
N ASP A 241 15.25 -3.05 0.16
CA ASP A 241 16.19 -3.10 1.27
C ASP A 241 16.13 -1.78 2.04
N PHE A 242 15.57 -1.86 3.23
CA PHE A 242 15.37 -0.69 4.06
C PHE A 242 16.66 -0.37 4.82
N VAL A 243 16.90 0.92 5.02
CA VAL A 243 17.95 1.36 5.90
C VAL A 243 17.35 2.33 6.92
N ILE A 244 17.33 1.91 8.17
CA ILE A 244 16.88 2.79 9.24
C ILE A 244 18.10 3.37 9.90
N GLU A 245 18.03 4.64 10.27
CA GLU A 245 19.18 5.27 10.90
C GLU A 245 19.09 5.16 12.41
N ARG A 246 20.09 5.73 13.07
CA ARG A 246 20.33 5.55 14.51
C ARG A 246 21.43 4.52 14.72
N MET B 1 -45.42 8.89 -33.46
CA MET B 1 -45.36 7.45 -33.21
C MET B 1 -44.23 6.83 -34.02
N ASP B 2 -43.10 7.54 -34.04
CA ASP B 2 -41.99 7.17 -34.92
C ASP B 2 -41.55 5.73 -34.75
N LYS B 3 -41.49 5.01 -35.87
CA LYS B 3 -40.94 3.67 -35.88
C LYS B 3 -39.53 3.76 -35.31
N ARG B 4 -38.79 4.77 -35.76
CA ARG B 4 -37.43 4.99 -35.32
C ARG B 4 -37.35 5.29 -33.82
N VAL B 5 -38.06 6.32 -33.37
CA VAL B 5 -38.09 6.64 -31.94
C VAL B 5 -38.50 5.40 -31.15
N ALA B 6 -39.59 4.77 -31.57
CA ALA B 6 -40.05 3.56 -30.92
C ALA B 6 -38.93 2.54 -30.82
N GLU B 7 -38.32 2.22 -31.95
CA GLU B 7 -37.31 1.15 -31.97
C GLU B 7 -36.11 1.44 -31.06
N VAL B 8 -35.53 2.62 -31.19
CA VAL B 8 -34.39 2.98 -30.35
C VAL B 8 -34.79 3.25 -28.89
N ALA B 9 -35.78 4.11 -28.67
CA ALA B 9 -36.26 4.40 -27.32
C ALA B 9 -36.66 3.11 -26.62
N GLY B 10 -37.26 2.19 -27.37
CA GLY B 10 -37.73 0.94 -26.81
C GLY B 10 -36.60 0.05 -26.31
N ALA B 11 -35.65 -0.24 -27.18
CA ALA B 11 -34.53 -1.10 -26.81
C ALA B 11 -33.91 -0.61 -25.51
N ILE B 12 -33.81 0.71 -25.38
CA ILE B 12 -33.22 1.34 -24.21
C ILE B 12 -33.99 1.02 -22.92
N VAL B 13 -35.32 1.10 -23.00
CA VAL B 13 -36.16 0.88 -21.82
C VAL B 13 -36.03 -0.55 -21.30
N GLU B 14 -36.25 -1.54 -22.16
CA GLU B 14 -36.08 -2.94 -21.76
C GLU B 14 -34.65 -3.22 -21.33
N ALA B 15 -33.70 -2.58 -22.00
CA ALA B 15 -32.29 -2.69 -21.64
C ALA B 15 -32.11 -2.23 -20.20
N VAL B 16 -32.76 -1.13 -19.85
CA VAL B 16 -32.68 -0.57 -18.50
C VAL B 16 -33.55 -1.32 -17.48
N ARG B 17 -34.76 -1.66 -17.89
CA ARG B 17 -35.67 -2.39 -17.00
C ARG B 17 -35.04 -3.69 -16.53
N LYS B 18 -34.26 -4.30 -17.42
CA LYS B 18 -33.56 -5.54 -17.09
C LYS B 18 -32.42 -5.29 -16.10
N ILE B 19 -31.58 -4.30 -16.41
CA ILE B 19 -30.42 -3.99 -15.57
C ILE B 19 -30.86 -3.67 -14.15
N LEU B 20 -32.12 -3.28 -13.98
CA LEU B 20 -32.70 -3.07 -12.66
C LEU B 20 -32.99 -4.40 -11.98
N LEU B 21 -33.52 -5.35 -12.75
CA LEU B 21 -33.93 -6.64 -12.20
C LEU B 21 -32.78 -7.60 -11.91
N ASP B 22 -31.85 -7.70 -12.87
CA ASP B 22 -30.72 -8.61 -12.70
C ASP B 22 -29.83 -8.20 -11.54
N LYS B 23 -29.60 -6.90 -11.40
CA LYS B 23 -28.70 -6.38 -10.39
C LYS B 23 -29.43 -6.21 -9.05
N ARG B 24 -30.71 -6.58 -9.04
CA ARG B 24 -31.51 -6.52 -7.83
C ARG B 24 -31.43 -5.15 -7.17
N VAL B 25 -31.72 -4.10 -7.95
CA VAL B 25 -31.70 -2.74 -7.42
C VAL B 25 -32.79 -2.53 -6.38
N THR B 26 -32.39 -2.02 -5.22
CA THR B 26 -33.33 -1.76 -4.15
C THR B 26 -34.31 -0.67 -4.53
N GLU B 27 -35.51 -0.71 -3.96
CA GLU B 27 -36.42 0.41 -4.02
C GLU B 27 -35.65 1.62 -3.50
N ALA B 28 -34.89 1.39 -2.44
CA ALA B 28 -34.08 2.44 -1.81
C ALA B 28 -33.02 2.97 -2.76
N GLU B 29 -32.38 2.08 -3.51
CA GLU B 29 -31.35 2.48 -4.45
C GLU B 29 -31.93 3.23 -5.63
N TYR B 30 -33.06 2.74 -6.15
CA TYR B 30 -33.75 3.46 -7.22
C TYR B 30 -34.14 4.85 -6.75
N ARG B 31 -34.75 4.91 -5.57
CA ARG B 31 -35.12 6.20 -4.97
C ARG B 31 -33.91 7.12 -5.02
N ALA B 32 -32.74 6.55 -4.76
CA ALA B 32 -31.48 7.28 -4.85
C ALA B 32 -31.17 7.67 -6.30
N GLY B 33 -31.48 6.78 -7.23
CA GLY B 33 -31.18 7.01 -8.64
C GLY B 33 -31.90 8.20 -9.22
N VAL B 34 -33.22 8.21 -9.10
CA VAL B 34 -34.03 9.32 -9.58
C VAL B 34 -33.56 10.63 -8.94
N ASP B 35 -33.28 10.57 -7.65
CA ASP B 35 -32.74 11.72 -6.93
C ASP B 35 -31.58 12.30 -7.71
N TYR B 36 -30.66 11.43 -8.10
CA TYR B 36 -29.46 11.87 -8.79
C TYR B 36 -29.78 12.54 -10.13
N LEU B 37 -30.52 11.84 -10.98
CA LEU B 37 -30.85 12.36 -12.30
C LEU B 37 -31.66 13.65 -12.22
N THR B 38 -32.41 13.83 -11.13
CA THR B 38 -33.12 15.07 -10.88
C THR B 38 -32.18 16.25 -10.68
N GLU B 39 -31.16 16.03 -9.86
CA GLU B 39 -30.14 17.04 -9.60
C GLU B 39 -29.32 17.34 -10.86
N VAL B 40 -29.11 16.32 -11.67
CA VAL B 40 -28.36 16.49 -12.92
C VAL B 40 -29.17 17.46 -13.77
N ALA B 41 -30.44 17.13 -14.00
CA ALA B 41 -31.34 17.98 -14.77
C ALA B 41 -31.45 19.37 -14.14
N GLN B 42 -31.37 19.39 -12.81
CA GLN B 42 -31.55 20.60 -12.02
C GLN B 42 -30.32 21.52 -12.05
N THR B 43 -29.15 20.92 -12.24
CA THR B 43 -27.90 21.65 -12.36
C THR B 43 -27.60 21.92 -13.84
N ARG B 44 -28.55 21.55 -14.70
CA ARG B 44 -28.45 21.73 -16.14
C ARG B 44 -27.36 20.86 -16.76
N GLU B 45 -27.03 19.76 -16.10
CA GLU B 45 -25.97 18.87 -16.58
C GLU B 45 -26.46 17.67 -17.39
N THR B 46 -27.77 17.53 -17.49
N THR B 46 -27.77 17.53 -17.52
CA THR B 46 -28.36 16.44 -18.29
CA THR B 46 -28.34 16.41 -18.27
C THR B 46 -27.72 16.43 -19.67
C THR B 46 -27.85 16.43 -19.72
N ALA B 47 -27.54 17.62 -20.23
CA ALA B 47 -26.92 17.76 -21.54
C ALA B 47 -25.52 17.13 -21.50
N LEU B 48 -24.72 17.58 -20.54
CA LEU B 48 -23.31 17.21 -20.44
C LEU B 48 -23.12 15.75 -20.03
N LEU B 49 -23.90 15.30 -19.08
CA LEU B 49 -23.82 13.92 -18.59
C LEU B 49 -23.93 12.98 -19.78
N LEU B 50 -25.00 13.15 -20.55
CA LEU B 50 -25.27 12.33 -21.72
C LEU B 50 -24.11 12.34 -22.71
N ASP B 51 -23.41 13.47 -22.80
CA ASP B 51 -22.32 13.61 -23.76
C ASP B 51 -21.08 12.79 -23.40
N VAL B 52 -20.57 12.95 -22.18
CA VAL B 52 -19.33 12.28 -21.81
C VAL B 52 -19.39 10.78 -22.05
N PHE B 53 -20.47 10.14 -21.61
CA PHE B 53 -20.62 8.70 -21.81
C PHE B 53 -20.97 8.29 -23.23
N LEU B 54 -22.05 8.87 -23.77
CA LEU B 54 -22.59 8.45 -25.06
C LEU B 54 -21.92 8.99 -26.33
N ASN B 55 -21.71 10.31 -26.37
CA ASN B 55 -21.36 10.98 -27.60
C ASN B 55 -20.13 10.40 -28.28
N SER B 56 -19.15 9.98 -27.49
CA SER B 56 -17.97 9.32 -28.00
C SER B 56 -18.33 8.04 -28.76
N THR B 57 -19.31 7.31 -28.23
CA THR B 57 -19.80 6.10 -28.88
C THR B 57 -20.52 6.42 -30.18
N ILE B 58 -21.32 7.47 -30.15
CA ILE B 58 -22.12 7.88 -31.31
C ILE B 58 -21.25 8.15 -32.54
N ILE B 59 -20.06 8.69 -32.33
CA ILE B 59 -19.16 8.99 -33.45
C ILE B 59 -18.44 7.72 -33.95
N GLU B 60 -18.19 6.77 -33.06
CA GLU B 60 -17.59 5.51 -33.45
C GLU B 60 -18.44 4.84 -34.52
N GLY B 61 -19.75 5.04 -34.43
CA GLY B 61 -20.68 4.50 -35.41
C GLY B 61 -20.59 5.20 -36.75
N LYS B 62 -20.66 6.53 -36.72
CA LYS B 62 -20.54 7.32 -37.95
C LYS B 62 -19.21 6.99 -38.61
N ALA B 63 -18.22 6.64 -37.80
CA ALA B 63 -16.87 6.35 -38.28
C ALA B 63 -16.82 5.11 -39.17
N GLN B 64 -17.59 4.08 -38.82
CA GLN B 64 -17.65 2.87 -39.63
C GLN B 64 -18.42 3.14 -40.92
N ARG B 65 -19.52 3.85 -40.78
CA ARG B 65 -20.36 4.21 -41.91
C ARG B 65 -19.68 5.28 -42.77
N SER B 66 -19.01 6.22 -42.11
CA SER B 66 -18.43 7.38 -42.78
C SER B 66 -17.40 7.06 -43.85
N ARG B 67 -17.54 7.71 -45.00
CA ARG B 67 -16.50 7.76 -46.00
C ARG B 67 -15.32 8.52 -45.40
N THR B 68 -15.65 9.57 -44.66
CA THR B 68 -14.66 10.49 -44.11
C THR B 68 -13.67 9.86 -43.13
N SER B 69 -12.43 10.34 -43.18
CA SER B 69 -11.37 9.81 -42.34
C SER B 69 -11.42 10.54 -41.00
N ALA B 70 -11.26 9.78 -39.92
CA ALA B 70 -11.02 10.33 -38.59
C ALA B 70 -12.07 11.33 -38.08
N PRO B 71 -13.29 10.84 -37.79
CA PRO B 71 -14.33 11.61 -37.10
C PRO B 71 -14.06 11.73 -35.60
N ALA B 72 -14.61 12.77 -34.98
CA ALA B 72 -14.48 12.97 -33.53
C ALA B 72 -15.60 13.85 -32.99
N ILE B 73 -15.79 13.81 -31.67
CA ILE B 73 -16.81 14.61 -31.00
C ILE B 73 -16.57 16.11 -31.22
N GLN B 74 -17.62 16.86 -31.52
CA GLN B 74 -17.49 18.28 -31.79
C GLN B 74 -17.33 19.13 -30.53
N GLY B 75 -18.03 18.76 -29.47
CA GLY B 75 -17.95 19.48 -28.23
C GLY B 75 -18.76 20.76 -28.27
N PRO B 76 -19.07 21.32 -27.09
CA PRO B 76 -19.98 22.44 -26.84
C PRO B 76 -19.48 23.78 -27.36
N TYR B 77 -18.19 23.87 -27.70
CA TYR B 77 -17.55 25.17 -27.91
C TYR B 77 -17.50 25.69 -29.34
N PHE B 78 -18.01 24.92 -30.30
CA PHE B 78 -18.05 25.36 -31.69
C PHE B 78 -19.00 26.55 -31.83
N LEU B 79 -18.56 27.53 -32.64
CA LEU B 79 -19.40 28.67 -33.01
C LEU B 79 -19.10 29.02 -34.47
N GLU B 80 -20.13 29.36 -35.22
CA GLU B 80 -19.99 29.58 -36.64
C GLU B 80 -19.34 30.92 -36.97
N GLY B 81 -18.71 31.01 -38.13
CA GLY B 81 -18.18 32.27 -38.62
C GLY B 81 -16.89 32.79 -37.99
N ALA B 82 -15.89 31.91 -37.86
CA ALA B 82 -14.56 32.36 -37.46
C ALA B 82 -13.88 33.04 -38.64
N PRO B 83 -13.43 34.28 -38.45
CA PRO B 83 -12.81 35.09 -39.51
C PRO B 83 -11.65 34.38 -40.22
N VAL B 84 -11.68 34.39 -41.54
CA VAL B 84 -10.65 33.74 -42.35
C VAL B 84 -9.32 34.44 -42.19
N VAL B 85 -8.28 33.66 -41.88
CA VAL B 85 -6.96 34.21 -41.62
C VAL B 85 -5.96 33.73 -42.66
N GLU B 86 -4.89 34.48 -42.87
CA GLU B 86 -3.84 34.04 -43.76
C GLU B 86 -2.57 33.66 -42.98
N GLY B 87 -2.32 32.36 -42.93
CA GLY B 87 -1.06 31.82 -42.46
C GLY B 87 -0.97 31.60 -40.95
N VAL B 88 -1.76 32.35 -40.20
CA VAL B 88 -1.79 32.21 -38.74
C VAL B 88 -3.13 32.59 -38.13
N LEU B 89 -3.53 31.87 -37.09
CA LEU B 89 -4.71 32.26 -36.31
C LEU B 89 -4.31 33.29 -35.26
N LYS B 90 -5.21 34.22 -34.95
CA LYS B 90 -4.89 35.32 -34.06
C LYS B 90 -4.95 34.97 -32.57
N THR B 91 -3.81 35.14 -31.91
CA THR B 91 -3.66 34.78 -30.50
C THR B 91 -2.87 35.85 -29.73
N TYR B 92 -2.87 35.75 -28.40
CA TYR B 92 -2.18 36.74 -27.57
C TYR B 92 -0.66 36.67 -27.64
N ASP B 93 -0.04 37.81 -27.37
CA ASP B 93 1.41 37.98 -27.43
C ASP B 93 2.08 37.69 -26.09
N THR B 94 1.28 37.22 -25.13
CA THR B 94 1.73 37.07 -23.74
C THR B 94 3.03 36.28 -23.59
N ASP B 95 3.34 35.46 -24.58
CA ASP B 95 4.56 34.66 -24.57
C ASP B 95 4.63 33.68 -23.40
N ASP B 96 3.48 33.29 -22.86
CA ASP B 96 3.39 32.04 -22.13
C ASP B 96 2.94 31.00 -23.14
N HIS B 97 2.57 31.48 -24.31
CA HIS B 97 2.11 30.65 -25.42
C HIS B 97 3.28 30.02 -26.14
N LYS B 98 3.15 28.74 -26.47
CA LYS B 98 4.11 28.08 -27.36
C LYS B 98 3.41 27.81 -28.69
N PRO B 99 3.94 28.38 -29.78
CA PRO B 99 3.26 28.24 -31.07
C PRO B 99 3.35 26.85 -31.67
N LEU B 100 2.33 26.48 -32.43
CA LEU B 100 2.35 25.24 -33.19
C LEU B 100 1.85 25.51 -34.60
N ILE B 101 2.43 24.81 -35.58
CA ILE B 101 1.98 24.95 -36.96
C ILE B 101 1.21 23.70 -37.39
N ILE B 102 0.09 23.91 -38.07
CA ILE B 102 -0.69 22.79 -38.59
C ILE B 102 -0.74 22.83 -40.11
N ARG B 103 -0.24 21.78 -40.75
CA ARG B 103 -0.14 21.74 -42.20
C ARG B 103 -0.64 20.40 -42.77
N GLY B 104 -1.19 20.43 -43.98
CA GLY B 104 -1.70 19.22 -44.61
C GLY B 104 -2.55 19.43 -45.84
N THR B 105 -3.15 18.34 -46.32
CA THR B 105 -3.93 18.36 -47.56
C THR B 105 -5.33 17.77 -47.40
N VAL B 106 -6.35 18.53 -47.79
CA VAL B 106 -7.74 18.08 -47.71
C VAL B 106 -8.26 17.59 -49.06
N ARG B 107 -8.57 16.30 -49.14
CA ARG B 107 -8.92 15.66 -50.42
C ARG B 107 -10.20 14.82 -50.35
N SER B 108 -11.21 15.22 -51.13
CA SER B 108 -12.48 14.51 -51.14
C SER B 108 -12.31 13.06 -51.57
N ASP B 109 -12.81 12.14 -50.74
CA ASP B 109 -12.61 10.70 -50.94
C ASP B 109 -11.18 10.38 -51.35
N GLY B 111 -11.82 9.64 -54.62
CA GLY B 111 -11.39 10.88 -55.24
C GLY B 111 -9.93 11.20 -54.99
N GLU B 112 -9.28 11.83 -55.96
CA GLU B 112 -7.85 12.13 -55.84
C GLU B 112 -7.54 13.21 -54.80
N LEU B 113 -8.11 14.39 -54.99
CA LEU B 113 -7.92 15.51 -54.08
C LEU B 113 -9.06 16.50 -54.28
N LEU B 114 -9.25 17.41 -53.34
CA LEU B 114 -10.21 18.50 -53.50
C LEU B 114 -9.58 19.85 -53.18
N ALA B 115 -10.12 20.92 -53.72
CA ALA B 115 -9.55 22.25 -53.50
C ALA B 115 -10.57 23.27 -53.01
N GLY B 116 -10.10 24.47 -52.74
CA GLY B 116 -10.96 25.54 -52.26
C GLY B 116 -11.83 25.09 -51.11
N ALA B 117 -11.23 24.37 -50.15
CA ALA B 117 -11.97 23.84 -49.01
C ALA B 117 -11.74 24.69 -47.77
N VAL B 118 -12.82 25.02 -47.07
CA VAL B 118 -12.72 25.93 -45.92
C VAL B 118 -12.72 25.15 -44.62
N ILE B 119 -11.57 25.14 -43.95
CA ILE B 119 -11.39 24.40 -42.71
C ILE B 119 -11.65 25.32 -41.53
N ASP B 120 -12.74 25.08 -40.82
CA ASP B 120 -13.11 25.94 -39.70
C ASP B 120 -12.48 25.42 -38.42
N VAL B 121 -11.66 26.24 -37.78
CA VAL B 121 -10.84 25.79 -36.65
C VAL B 121 -11.11 26.57 -35.36
N TRP B 122 -11.18 25.86 -34.24
CA TRP B 122 -11.32 26.49 -32.93
C TRP B 122 -10.56 25.73 -31.83
N HIS B 123 -9.85 26.46 -30.98
CA HIS B 123 -9.15 25.82 -29.87
C HIS B 123 -9.01 26.70 -28.62
N SER B 124 -8.29 26.17 -27.63
CA SER B 124 -8.24 26.75 -26.29
C SER B 124 -6.98 27.55 -26.01
N THR B 125 -7.12 28.59 -25.19
CA THR B 125 -5.99 29.38 -24.74
C THR B 125 -5.09 28.53 -23.87
N PRO B 126 -3.86 29.02 -23.61
CA PRO B 126 -2.98 28.37 -22.63
C PRO B 126 -3.64 28.22 -21.27
N ASP B 127 -4.73 28.95 -21.02
CA ASP B 127 -5.50 28.79 -19.79
C ASP B 127 -6.63 27.76 -19.92
N GLY B 128 -6.78 27.18 -21.10
CA GLY B 128 -7.81 26.17 -21.34
C GLY B 128 -9.20 26.76 -21.40
N LEU B 129 -9.31 27.90 -22.08
CA LEU B 129 -10.59 28.59 -22.23
C LEU B 129 -10.86 28.82 -23.71
N TYR B 130 -12.11 28.64 -24.14
CA TYR B 130 -12.43 28.81 -25.56
C TYR B 130 -12.92 30.22 -25.89
N SER B 131 -12.41 30.72 -27.01
CA SER B 131 -12.69 32.08 -27.46
C SER B 131 -14.16 32.37 -27.67
N GLY B 132 -14.64 33.44 -27.04
CA GLY B 132 -15.96 33.97 -27.28
C GLY B 132 -17.02 33.32 -26.42
N ILE B 133 -16.73 32.12 -25.95
CA ILE B 133 -17.62 31.42 -25.03
C ILE B 133 -17.41 31.91 -23.60
N HIS B 134 -16.14 32.07 -23.22
CA HIS B 134 -15.76 32.49 -21.87
C HIS B 134 -15.83 33.99 -21.60
N ASP B 135 -16.02 34.34 -20.33
CA ASP B 135 -16.02 35.74 -19.90
C ASP B 135 -14.71 36.42 -20.30
N ASN B 136 -14.82 37.63 -20.80
CA ASN B 136 -13.66 38.38 -21.29
C ASN B 136 -12.97 37.68 -22.46
N ILE B 137 -13.75 36.98 -23.28
CA ILE B 137 -13.22 36.32 -24.47
C ILE B 137 -13.78 36.87 -25.77
N PRO B 138 -12.94 37.57 -26.53
CA PRO B 138 -13.27 38.05 -27.88
C PRO B 138 -13.35 36.91 -28.89
N VAL B 139 -14.39 36.89 -29.71
CA VAL B 139 -14.48 35.95 -30.82
C VAL B 139 -13.46 36.39 -31.88
N ASP B 140 -13.09 35.47 -32.77
CA ASP B 140 -12.09 35.73 -33.78
C ASP B 140 -10.69 35.50 -33.18
N TYR B 141 -10.65 35.29 -31.87
CA TYR B 141 -9.42 34.91 -31.20
C TYR B 141 -9.42 33.40 -31.03
N TYR B 142 -8.26 32.79 -31.22
CA TYR B 142 -8.13 31.34 -31.04
C TYR B 142 -9.14 30.57 -31.88
N ARG B 143 -9.46 31.12 -33.05
CA ARG B 143 -10.34 30.50 -34.03
C ARG B 143 -9.95 30.94 -35.44
N GLY B 144 -10.40 30.20 -36.46
CA GLY B 144 -10.16 30.63 -37.83
C GLY B 144 -10.50 29.65 -38.94
N LYS B 145 -10.58 30.18 -40.16
CA LYS B 145 -10.87 29.39 -41.36
C LYS B 145 -9.67 29.45 -42.32
N LEU B 146 -9.16 28.29 -42.72
CA LEU B 146 -8.04 28.26 -43.66
C LEU B 146 -8.42 27.49 -44.93
N VAL B 147 -8.50 28.19 -46.05
CA VAL B 147 -8.91 27.57 -47.30
C VAL B 147 -7.73 27.14 -48.17
N THR B 148 -7.81 25.92 -48.70
CA THR B 148 -6.75 25.38 -49.53
C THR B 148 -6.76 25.89 -50.96
N ASP B 149 -5.59 25.88 -51.58
CA ASP B 149 -5.44 26.27 -52.98
C ASP B 149 -5.78 25.12 -53.93
N SER B 150 -5.47 25.32 -55.21
CA SER B 150 -5.80 24.35 -56.27
C SER B 150 -5.30 22.94 -55.98
N GLN B 151 -4.17 22.85 -55.27
CA GLN B 151 -3.57 21.57 -54.89
C GLN B 151 -3.94 21.06 -53.48
N GLY B 152 -4.88 21.73 -52.82
CA GLY B 152 -5.01 21.64 -51.36
C GLY B 152 -3.90 22.42 -50.67
N ASN B 153 -3.16 21.78 -49.77
CA ASN B 153 -1.99 22.43 -49.16
C ASN B 153 -2.21 23.63 -48.24
N TYR B 154 -3.23 23.59 -47.39
CA TYR B 154 -3.43 24.64 -46.39
C TYR B 154 -2.28 24.67 -45.38
N ARG B 155 -2.07 25.81 -44.75
CA ARG B 155 -1.19 25.89 -43.57
C ARG B 155 -1.60 27.02 -42.63
N VAL B 156 -1.49 26.79 -41.33
CA VAL B 156 -1.77 27.82 -40.32
C VAL B 156 -0.96 27.61 -39.05
N ARG B 157 -0.60 28.71 -38.39
CA ARG B 157 0.24 28.63 -37.20
C ARG B 157 -0.33 29.40 -36.00
N THR B 158 -0.53 28.68 -34.90
CA THR B 158 -1.08 29.29 -33.69
C THR B 158 -0.37 28.79 -32.43
N THR B 159 -0.64 29.47 -31.33
CA THR B 159 -0.25 29.03 -30.00
C THR B 159 -0.95 27.71 -29.67
N MET B 160 -0.30 26.87 -28.87
CA MET B 160 -0.86 25.58 -28.48
C MET B 160 -2.06 25.71 -27.56
N PRO B 161 -3.04 24.80 -27.70
CA PRO B 161 -4.10 24.57 -26.73
C PRO B 161 -3.55 23.78 -25.55
N VAL B 162 -4.28 23.76 -24.44
CA VAL B 162 -3.87 22.97 -23.28
C VAL B 162 -5.03 22.06 -22.83
N PRO B 163 -4.72 21.03 -22.04
CA PRO B 163 -5.76 20.14 -21.51
C PRO B 163 -6.67 20.82 -20.49
N TYR B 164 -7.98 20.61 -20.62
CA TYR B 164 -8.95 21.22 -19.71
C TYR B 164 -9.93 20.19 -19.17
N GLN B 165 -10.87 20.63 -18.34
CA GLN B 165 -11.79 19.72 -17.68
C GLN B 165 -13.25 20.17 -17.69
N ILE B 166 -14.14 19.20 -17.90
CA ILE B 166 -15.58 19.43 -17.85
C ILE B 166 -15.94 19.86 -16.44
N PRO B 167 -17.13 20.47 -16.25
CA PRO B 167 -17.35 21.02 -14.90
C PRO B 167 -17.30 19.93 -13.83
N TYR B 168 -16.45 20.16 -12.84
CA TYR B 168 -16.13 19.16 -11.81
C TYR B 168 -16.89 19.37 -10.50
N GLU B 169 -17.69 20.42 -10.42
CA GLU B 169 -18.42 20.72 -9.20
C GLU B 169 -19.80 20.06 -9.19
N GLY B 170 -20.19 19.50 -10.32
CA GLY B 170 -21.54 18.96 -10.48
C GLY B 170 -21.70 17.51 -10.10
N PRO B 171 -22.95 17.01 -10.19
CA PRO B 171 -23.24 15.59 -9.94
C PRO B 171 -22.49 14.72 -10.93
N THR B 172 -22.43 15.19 -12.18
CA THR B 172 -21.69 14.54 -13.24
C THR B 172 -20.28 14.23 -12.76
N GLY B 173 -19.72 15.15 -11.99
CA GLY B 173 -18.40 14.96 -11.42
C GLY B 173 -18.33 13.75 -10.53
N ARG B 174 -19.26 13.67 -9.58
CA ARG B 174 -19.32 12.55 -8.67
C ARG B 174 -19.49 11.20 -9.38
N LEU B 175 -20.37 11.17 -10.36
CA LEU B 175 -20.68 9.93 -11.06
C LEU B 175 -19.40 9.39 -11.70
N LEU B 176 -18.65 10.28 -12.34
CA LEU B 176 -17.34 9.92 -12.86
C LEU B 176 -16.45 9.42 -11.73
N GLY B 177 -16.59 10.04 -10.57
CA GLY B 177 -15.82 9.65 -9.41
C GLY B 177 -16.13 8.22 -9.00
N HIS B 178 -17.42 7.93 -8.81
CA HIS B 178 -17.85 6.60 -8.41
C HIS B 178 -17.44 5.57 -9.46
N LEU B 179 -17.44 5.99 -10.72
CA LEU B 179 -17.17 5.08 -11.83
C LEU B 179 -15.67 4.87 -12.09
N GLY B 180 -14.83 5.56 -11.32
CA GLY B 180 -13.39 5.41 -11.41
C GLY B 180 -12.73 6.37 -12.36
N SER B 181 -13.50 7.34 -12.83
CA SER B 181 -13.02 8.31 -13.81
C SER B 181 -12.46 9.59 -13.19
N HIS B 182 -12.22 10.57 -14.05
CA HIS B 182 -11.84 11.91 -13.64
C HIS B 182 -12.63 12.91 -14.48
N THR B 183 -12.36 14.21 -14.28
CA THR B 183 -13.03 15.28 -15.04
C THR B 183 -12.26 15.85 -16.25
N TRP B 184 -11.08 15.28 -16.53
CA TRP B 184 -10.14 15.88 -17.48
C TRP B 184 -10.22 15.36 -18.92
N ARG B 185 -9.98 16.27 -19.87
CA ARG B 185 -9.72 15.91 -21.25
C ARG B 185 -8.32 16.39 -21.67
N PRO B 186 -7.68 15.66 -22.59
CA PRO B 186 -6.34 15.94 -23.11
C PRO B 186 -6.32 17.19 -23.98
N ALA B 187 -5.14 17.74 -24.23
CA ALA B 187 -5.01 18.92 -25.08
C ALA B 187 -5.36 18.56 -26.50
N HIS B 188 -6.30 19.31 -27.09
CA HIS B 188 -6.76 19.01 -28.44
C HIS B 188 -6.97 20.25 -29.31
N VAL B 189 -6.93 20.04 -30.61
CA VAL B 189 -7.17 21.09 -31.59
C VAL B 189 -8.34 20.65 -32.48
N HIS B 190 -9.40 21.45 -32.51
CA HIS B 190 -10.61 21.11 -33.26
C HIS B 190 -10.49 21.41 -34.76
N PHE B 191 -11.24 20.66 -35.58
CA PHE B 191 -11.26 20.88 -37.03
C PHE B 191 -12.64 20.59 -37.63
N LYS B 192 -13.05 21.39 -38.59
CA LYS B 192 -14.31 21.17 -39.30
C LYS B 192 -14.24 21.54 -40.79
N VAL B 193 -14.71 20.65 -41.65
CA VAL B 193 -14.64 20.87 -43.09
C VAL B 193 -16.02 21.12 -43.70
N ASP B 196 -17.35 22.17 -49.85
CA ASP B 196 -18.76 22.09 -50.22
C ASP B 196 -19.10 20.95 -51.18
N GLY B 197 -20.36 20.51 -51.14
CA GLY B 197 -20.80 19.41 -51.99
C GLY B 197 -20.44 18.07 -51.39
N PHE B 198 -19.90 18.09 -50.17
CA PHE B 198 -19.56 16.87 -49.46
C PHE B 198 -19.95 17.00 -48.00
N GLU B 199 -20.19 15.88 -47.34
CA GLU B 199 -20.56 15.90 -45.93
C GLU B 199 -19.44 16.56 -45.15
N PRO B 200 -19.80 17.40 -44.20
CA PRO B 200 -18.81 18.15 -43.41
C PRO B 200 -18.12 17.24 -42.40
N LEU B 201 -16.80 17.15 -42.49
CA LEU B 201 -16.03 16.31 -41.58
C LEU B 201 -15.62 17.13 -40.36
N THR B 202 -16.14 16.77 -39.19
CA THR B 202 -15.80 17.46 -37.95
C THR B 202 -15.01 16.53 -37.02
N THR B 203 -13.93 17.05 -36.44
CA THR B 203 -13.01 16.22 -35.64
C THR B 203 -12.21 17.05 -34.64
N GLN B 204 -11.31 16.37 -33.92
CA GLN B 204 -10.29 17.04 -33.11
C GLN B 204 -9.05 16.17 -32.97
N TYR B 205 -7.88 16.78 -32.89
CA TYR B 205 -6.64 16.02 -32.75
C TYR B 205 -5.89 16.32 -31.46
N TYR B 206 -5.09 15.35 -31.01
CA TYR B 206 -4.42 15.41 -29.73
C TYR B 206 -2.91 15.28 -29.91
N PHE B 207 -2.14 15.72 -28.92
CA PHE B 207 -0.68 15.69 -29.00
C PHE B 207 -0.10 14.44 -28.30
N GLU B 208 0.92 13.84 -28.90
CA GLU B 208 1.38 12.49 -28.54
C GLU B 208 1.72 12.25 -27.05
N GLY B 209 2.77 12.88 -26.56
CA GLY B 209 3.18 12.70 -25.18
C GLY B 209 2.15 13.27 -24.23
N GLY B 210 1.15 13.92 -24.80
CA GLY B 210 0.21 14.74 -24.05
C GLY B 210 -0.46 14.09 -22.87
N LYS B 211 -0.69 14.89 -21.84
CA LYS B 211 -1.42 14.47 -20.66
C LYS B 211 -2.87 14.18 -21.02
N TRP B 212 -3.41 13.09 -20.48
CA TRP B 212 -4.81 12.73 -20.68
C TRP B 212 -5.13 12.15 -22.06
N VAL B 213 -4.16 12.15 -22.98
CA VAL B 213 -4.36 11.52 -24.28
C VAL B 213 -4.68 10.04 -24.12
N ASP B 214 -4.05 9.42 -23.13
CA ASP B 214 -4.27 8.00 -22.84
C ASP B 214 -5.61 7.79 -22.15
N ASP B 215 -6.03 8.78 -21.35
CA ASP B 215 -7.25 8.66 -20.58
C ASP B 215 -8.13 9.91 -20.69
N ASP B 216 -9.32 9.73 -21.25
CA ASP B 216 -10.23 10.83 -21.52
C ASP B 216 -11.61 10.53 -20.97
N CYS B 217 -12.06 11.34 -20.02
CA CYS B 217 -13.35 11.13 -19.37
C CYS B 217 -14.46 11.06 -20.42
N CYS B 218 -14.21 11.69 -21.56
CA CYS B 218 -15.15 11.69 -22.67
C CYS B 218 -14.89 10.56 -23.65
N HIS B 219 -13.83 9.79 -23.42
CA HIS B 219 -13.46 8.72 -24.34
C HIS B 219 -13.42 9.25 -25.78
N GLY B 220 -12.73 10.36 -25.98
CA GLY B 220 -12.75 11.03 -27.28
C GLY B 220 -11.52 10.80 -28.13
N VAL B 221 -10.56 10.03 -27.60
CA VAL B 221 -9.28 9.83 -28.27
C VAL B 221 -9.19 8.48 -29.00
N THR B 222 -8.71 8.52 -30.25
CA THR B 222 -8.47 7.30 -31.02
C THR B 222 -7.10 7.36 -31.69
N PRO B 223 -6.44 6.19 -31.82
CA PRO B 223 -5.04 6.10 -32.23
C PRO B 223 -4.67 6.91 -33.48
N ASP B 224 -5.59 7.06 -34.42
CA ASP B 224 -5.29 7.83 -35.63
C ASP B 224 -5.36 9.34 -35.36
N LEU B 225 -5.88 9.70 -34.19
CA LEU B 225 -6.06 11.10 -33.83
C LEU B 225 -4.90 11.66 -33.01
N ILE B 226 -3.88 10.84 -32.78
CA ILE B 226 -2.73 11.28 -32.00
C ILE B 226 -1.54 11.58 -32.92
N THR B 227 -1.11 12.83 -32.89
CA THR B 227 -0.11 13.33 -33.83
C THR B 227 1.29 13.22 -33.26
N PRO B 228 2.10 12.30 -33.81
CA PRO B 228 3.48 12.10 -33.33
C PRO B 228 4.21 13.43 -33.28
N GLU B 229 5.07 13.61 -32.29
CA GLU B 229 5.68 14.93 -32.07
C GLU B 229 6.85 15.21 -33.00
N THR B 230 6.73 16.29 -33.76
CA THR B 230 7.79 16.75 -34.66
C THR B 230 7.99 18.26 -34.53
N ILE B 231 9.21 18.67 -34.20
CA ILE B 231 9.51 20.09 -34.05
C ILE B 231 10.40 20.59 -35.18
N GLU B 232 9.87 21.50 -35.98
CA GLU B 232 10.59 22.04 -37.13
C GLU B 232 10.83 23.54 -36.95
N ASP B 233 12.10 23.94 -36.99
CA ASP B 233 12.47 25.33 -36.83
C ASP B 233 12.29 25.85 -35.42
N GLY B 234 12.41 24.93 -34.46
CA GLY B 234 12.25 25.26 -33.05
C GLY B 234 10.78 25.32 -32.68
N VAL B 235 9.95 24.68 -33.50
CA VAL B 235 8.51 24.69 -33.28
C VAL B 235 7.89 23.32 -33.56
N ARG B 236 6.91 22.94 -32.74
CA ARG B 236 6.19 21.68 -32.93
C ARG B 236 5.19 21.79 -34.07
N VAL B 237 5.25 20.85 -35.01
CA VAL B 237 4.39 20.89 -36.19
C VAL B 237 3.44 19.71 -36.26
N MET B 238 2.19 19.98 -36.62
CA MET B 238 1.18 18.95 -36.74
C MET B 238 0.76 18.82 -38.21
N THR B 239 1.15 17.74 -38.85
CA THR B 239 0.76 17.52 -40.24
C THR B 239 -0.48 16.64 -40.31
N LEU B 240 -1.60 17.23 -40.74
CA LEU B 240 -2.86 16.51 -40.79
C LEU B 240 -3.45 16.47 -42.19
N ASP B 241 -3.66 15.26 -42.70
CA ASP B 241 -4.23 15.04 -44.01
C ASP B 241 -5.66 14.52 -43.89
N PHE B 242 -6.61 15.19 -44.53
CA PHE B 242 -8.02 14.86 -44.37
C PHE B 242 -8.64 14.24 -45.61
N VAL B 243 -9.66 13.42 -45.40
CA VAL B 243 -10.35 12.76 -46.50
C VAL B 243 -11.86 12.83 -46.33
N ILE B 244 -12.44 13.96 -46.72
CA ILE B 244 -13.88 14.14 -46.63
C ILE B 244 -14.59 13.17 -47.57
N GLU B 245 -15.73 12.65 -47.13
CA GLU B 245 -16.45 11.66 -47.90
C GLU B 245 -17.76 12.20 -48.45
N ARG B 246 -17.97 12.00 -49.75
CA ARG B 246 -19.19 12.47 -50.42
C ARG B 246 -18.98 12.52 -51.92
N MET C 1 34.15 -20.07 54.67
CA MET C 1 34.79 -20.85 53.61
C MET C 1 33.87 -21.93 53.09
N ASP C 2 33.54 -21.86 51.80
CA ASP C 2 32.77 -22.92 51.17
C ASP C 2 33.53 -23.48 49.98
N LYS C 3 33.98 -24.72 50.11
CA LYS C 3 34.85 -25.31 49.10
C LYS C 3 34.28 -25.14 47.70
N ARG C 4 33.05 -25.63 47.51
CA ARG C 4 32.40 -25.61 46.21
C ARG C 4 32.27 -24.18 45.69
N VAL C 5 31.57 -23.34 46.44
CA VAL C 5 31.35 -21.95 46.04
C VAL C 5 32.63 -21.27 45.60
N ALA C 6 33.59 -21.14 46.51
CA ALA C 6 34.87 -20.52 46.21
C ALA C 6 35.54 -21.16 45.00
N GLU C 7 35.26 -22.45 44.76
CA GLU C 7 35.80 -23.10 43.57
C GLU C 7 35.19 -22.55 42.29
N VAL C 8 33.87 -22.65 42.17
CA VAL C 8 33.17 -22.28 40.93
C VAL C 8 32.89 -20.78 40.80
N ALA C 9 32.74 -20.09 41.93
CA ALA C 9 32.63 -18.63 41.89
C ALA C 9 34.00 -18.05 41.60
N GLY C 10 35.00 -18.52 42.35
CA GLY C 10 36.36 -18.07 42.17
C GLY C 10 36.75 -18.15 40.70
N ALA C 11 36.47 -19.29 40.08
CA ALA C 11 36.80 -19.50 38.67
C ALA C 11 36.17 -18.46 37.76
N ILE C 12 34.93 -18.08 38.05
CA ILE C 12 34.25 -17.04 37.28
C ILE C 12 34.99 -15.71 37.42
N VAL C 13 35.27 -15.31 38.66
CA VAL C 13 35.92 -14.04 38.91
C VAL C 13 37.26 -13.95 38.17
N GLU C 14 38.14 -14.90 38.41
CA GLU C 14 39.43 -14.92 37.71
C GLU C 14 39.26 -15.08 36.21
N ALA C 15 38.10 -15.58 35.79
CA ALA C 15 37.80 -15.72 34.37
C ALA C 15 37.46 -14.36 33.77
N VAL C 16 36.58 -13.63 34.44
CA VAL C 16 36.19 -12.28 34.02
C VAL C 16 37.38 -11.34 34.06
N ARG C 17 38.10 -11.37 35.17
CA ARG C 17 39.27 -10.53 35.38
C ARG C 17 40.24 -10.56 34.20
N LYS C 18 40.54 -11.77 33.73
CA LYS C 18 41.47 -11.94 32.62
C LYS C 18 40.90 -11.30 31.35
N ILE C 19 39.58 -11.31 31.22
CA ILE C 19 38.93 -10.70 30.07
C ILE C 19 39.08 -9.18 30.10
N LEU C 20 38.76 -8.58 31.24
CA LEU C 20 38.85 -7.12 31.38
C LEU C 20 40.22 -6.61 30.94
N LEU C 21 41.28 -7.19 31.52
CA LEU C 21 42.65 -6.85 31.15
C LEU C 21 42.89 -7.05 29.66
N ASP C 22 42.80 -8.29 29.22
CA ASP C 22 43.08 -8.63 27.83
C ASP C 22 42.26 -7.86 26.82
N LYS C 23 41.02 -7.52 27.19
CA LYS C 23 40.18 -6.70 26.31
C LYS C 23 40.33 -5.21 26.60
N ARG C 24 41.19 -4.88 27.56
CA ARG C 24 41.61 -3.50 27.80
C ARG C 24 40.45 -2.53 28.09
N VAL C 25 39.65 -2.83 29.12
CA VAL C 25 38.48 -2.01 29.44
C VAL C 25 38.79 -0.71 30.19
N THR C 26 38.27 0.39 29.67
CA THR C 26 38.36 1.69 30.33
C THR C 26 37.35 1.76 31.47
N GLU C 27 37.69 2.51 32.52
CA GLU C 27 36.78 2.67 33.66
C GLU C 27 35.38 3.06 33.18
N ALA C 28 35.34 3.94 32.19
CA ALA C 28 34.08 4.44 31.65
C ALA C 28 33.24 3.31 31.08
N GLU C 29 33.91 2.40 30.37
CA GLU C 29 33.24 1.21 29.87
C GLU C 29 32.75 0.37 31.05
N TYR C 30 33.65 0.12 32.00
CA TYR C 30 33.30 -0.57 33.24
C TYR C 30 32.12 0.12 33.91
N ARG C 31 32.25 1.42 34.17
CA ARG C 31 31.18 2.19 34.77
C ARG C 31 29.88 1.90 34.01
N ALA C 32 29.97 1.86 32.68
CA ALA C 32 28.82 1.52 31.85
C ALA C 32 28.23 0.17 32.24
N GLY C 33 29.09 -0.78 32.55
CA GLY C 33 28.65 -2.13 32.89
C GLY C 33 27.88 -2.25 34.20
N VAL C 34 28.49 -1.83 35.30
CA VAL C 34 27.85 -1.93 36.61
C VAL C 34 26.54 -1.15 36.61
N ASP C 35 26.41 -0.24 35.66
CA ASP C 35 25.17 0.51 35.46
C ASP C 35 24.10 -0.35 34.80
N TYR C 36 24.44 -0.99 33.69
CA TYR C 36 23.52 -1.90 33.03
C TYR C 36 23.06 -2.94 34.05
N LEU C 37 24.02 -3.46 34.80
CA LEU C 37 23.76 -4.52 35.77
C LEU C 37 22.95 -4.08 36.98
N THR C 38 23.10 -2.82 37.39
CA THR C 38 22.22 -2.27 38.42
C THR C 38 20.84 -2.01 37.82
N GLU C 39 20.82 -1.69 36.53
CA GLU C 39 19.58 -1.49 35.79
C GLU C 39 18.79 -2.80 35.65
N VAL C 40 19.51 -3.89 35.38
CA VAL C 40 18.90 -5.21 35.33
C VAL C 40 18.41 -5.59 36.73
N ALA C 41 19.11 -5.08 37.74
CA ALA C 41 18.69 -5.26 39.12
C ALA C 41 17.39 -4.52 39.38
N GLN C 42 17.40 -3.23 39.13
CA GLN C 42 16.25 -2.37 39.40
C GLN C 42 14.98 -2.92 38.76
N THR C 43 15.16 -3.58 37.62
CA THR C 43 14.03 -4.07 36.81
C THR C 43 13.62 -5.49 37.15
N ARG C 44 14.28 -6.10 38.14
CA ARG C 44 14.02 -7.47 38.54
C ARG C 44 14.35 -8.48 37.43
N GLU C 45 15.25 -8.10 36.52
CA GLU C 45 15.59 -8.97 35.40
C GLU C 45 16.84 -9.83 35.65
N THR C 46 17.41 -9.75 36.85
CA THR C 46 18.60 -10.52 37.17
C THR C 46 18.40 -12.00 36.83
N ALA C 47 17.31 -12.58 37.34
CA ALA C 47 17.00 -13.98 37.07
C ALA C 47 16.83 -14.22 35.57
N LEU C 48 15.92 -13.47 34.96
CA LEU C 48 15.60 -13.64 33.55
C LEU C 48 16.82 -13.50 32.65
N LEU C 49 17.80 -12.69 33.09
CA LEU C 49 19.01 -12.49 32.30
C LEU C 49 19.85 -13.76 32.31
N LEU C 50 20.16 -14.26 33.50
CA LEU C 50 21.02 -15.42 33.65
C LEU C 50 20.48 -16.63 32.89
N ASP C 51 19.16 -16.85 32.98
CA ASP C 51 18.53 -17.98 32.33
C ASP C 51 18.76 -18.02 30.81
N VAL C 52 18.48 -16.90 30.14
CA VAL C 52 18.53 -16.86 28.68
C VAL C 52 19.92 -17.19 28.12
N PHE C 53 20.96 -16.78 28.85
CA PHE C 53 22.33 -17.09 28.43
C PHE C 53 22.78 -18.44 28.99
N LEU C 54 22.88 -18.50 30.32
CA LEU C 54 23.47 -19.65 31.00
C LEU C 54 22.59 -20.89 31.14
N ASN C 55 21.36 -20.71 31.59
CA ASN C 55 20.49 -21.85 31.87
C ASN C 55 20.39 -22.80 30.69
N SER C 56 20.51 -22.26 29.48
CA SER C 56 20.54 -23.09 28.28
C SER C 56 21.68 -24.09 28.41
N THR C 57 22.80 -23.63 28.95
CA THR C 57 23.98 -24.47 29.14
C THR C 57 23.79 -25.48 30.27
N ILE C 58 23.33 -25.01 31.43
CA ILE C 58 23.22 -25.86 32.60
C ILE C 58 22.45 -27.15 32.32
N ILE C 59 21.52 -27.09 31.37
CA ILE C 59 20.75 -28.28 31.01
C ILE C 59 21.53 -29.22 30.09
N GLU C 60 22.36 -28.65 29.22
CA GLU C 60 23.24 -29.45 28.39
C GLU C 60 24.22 -30.21 29.29
N GLY C 61 24.47 -29.65 30.46
CA GLY C 61 25.34 -30.28 31.43
C GLY C 61 24.71 -31.52 32.06
N LYS C 62 23.42 -31.42 32.39
CA LYS C 62 22.71 -32.54 32.97
C LYS C 62 22.47 -33.65 31.95
N ALA C 63 22.52 -33.28 30.67
CA ALA C 63 22.29 -34.23 29.59
C ALA C 63 23.45 -35.22 29.45
N GLN C 64 24.66 -34.68 29.37
CA GLN C 64 25.85 -35.51 29.18
C GLN C 64 26.13 -36.39 30.39
N ARG C 65 25.77 -35.90 31.57
CA ARG C 65 25.89 -36.66 32.80
C ARG C 65 24.72 -37.61 33.07
N SER C 66 23.56 -37.29 32.51
CA SER C 66 22.36 -38.14 32.64
C SER C 66 22.27 -39.30 31.64
N ARG C 67 21.50 -40.32 32.01
CA ARG C 67 21.16 -41.42 31.10
C ARG C 67 19.80 -41.23 30.41
N THR C 68 19.18 -40.08 30.61
CA THR C 68 17.84 -39.82 30.08
C THR C 68 17.85 -39.48 28.58
N SER C 69 16.66 -39.19 28.05
CA SER C 69 16.53 -38.75 26.67
C SER C 69 16.96 -37.29 26.57
N ALA C 70 16.86 -36.70 25.38
CA ALA C 70 17.29 -35.32 25.20
C ALA C 70 16.43 -34.36 26.03
N PRO C 71 17.04 -33.73 27.04
CA PRO C 71 16.47 -32.70 27.93
C PRO C 71 16.48 -31.31 27.31
N ALA C 72 15.65 -30.41 27.83
CA ALA C 72 15.66 -29.02 27.37
C ALA C 72 15.29 -28.06 28.50
N ILE C 73 15.63 -26.78 28.32
CA ILE C 73 15.28 -25.74 29.28
C ILE C 73 13.78 -25.75 29.53
N GLN C 74 13.38 -25.66 30.80
CA GLN C 74 11.96 -25.72 31.12
C GLN C 74 11.18 -24.53 30.56
N GLY C 75 11.61 -23.32 30.90
CA GLY C 75 10.84 -22.13 30.55
C GLY C 75 9.96 -21.73 31.72
N PRO C 76 9.70 -20.42 31.86
CA PRO C 76 9.01 -19.86 33.02
C PRO C 76 7.57 -20.33 33.22
N TYR C 77 6.79 -20.37 32.15
CA TYR C 77 5.35 -20.60 32.26
C TYR C 77 5.03 -22.06 32.54
N PHE C 78 4.11 -22.30 33.48
CA PHE C 78 3.79 -23.66 33.91
C PHE C 78 2.48 -23.68 34.70
N GLU C 80 1.43 -26.39 39.34
CA GLU C 80 1.81 -27.28 38.27
C GLU C 80 0.75 -28.34 38.01
N GLY C 81 -0.25 -28.40 38.89
CA GLY C 81 -1.37 -29.30 38.70
C GLY C 81 -2.12 -28.96 37.42
N ALA C 82 -2.33 -29.98 36.58
CA ALA C 82 -3.03 -29.77 35.31
C ALA C 82 -3.86 -31.00 34.93
N PRO C 83 -4.95 -30.78 34.18
CA PRO C 83 -5.89 -31.81 33.72
C PRO C 83 -5.30 -32.77 32.68
N VAL C 84 -5.99 -33.89 32.46
CA VAL C 84 -5.56 -34.88 31.47
C VAL C 84 -6.68 -35.85 31.13
N VAL C 88 -7.37 -35.91 24.46
CA VAL C 88 -6.87 -34.66 23.92
C VAL C 88 -6.96 -33.53 24.93
N LEU C 89 -6.33 -32.41 24.59
CA LEU C 89 -6.32 -31.23 25.46
C LEU C 89 -7.12 -30.11 24.80
N LYS C 90 -7.66 -29.21 25.62
CA LYS C 90 -8.60 -28.21 25.10
C LYS C 90 -7.94 -26.97 24.51
N THR C 91 -8.17 -26.76 23.21
CA THR C 91 -7.69 -25.57 22.50
C THR C 91 -8.83 -24.94 21.72
N TYR C 92 -8.73 -23.64 21.48
CA TYR C 92 -9.85 -22.86 20.94
C TYR C 92 -10.40 -23.37 19.60
N ASP C 93 -11.70 -23.15 19.40
CA ASP C 93 -12.42 -23.65 18.22
C ASP C 93 -11.99 -22.96 16.93
N THR C 94 -11.15 -21.93 17.05
CA THR C 94 -10.80 -21.09 15.91
C THR C 94 -10.26 -21.89 14.73
N ASP C 95 -10.54 -21.40 13.53
CA ASP C 95 -10.13 -22.10 12.32
C ASP C 95 -8.69 -21.75 11.92
N ASP C 96 -8.02 -20.96 12.76
CA ASP C 96 -6.64 -20.58 12.51
C ASP C 96 -5.62 -21.46 13.23
N HIS C 97 -6.08 -22.40 14.05
CA HIS C 97 -5.20 -23.33 14.75
C HIS C 97 -4.80 -24.49 13.85
N LYS C 98 -3.50 -24.69 13.65
CA LYS C 98 -3.02 -25.84 12.90
C LYS C 98 -2.86 -27.07 13.81
N PRO C 99 -3.16 -28.26 13.28
CA PRO C 99 -3.22 -29.54 14.01
C PRO C 99 -1.86 -30.15 14.35
N LEU C 100 -1.78 -30.76 15.54
CA LEU C 100 -0.59 -31.49 15.97
C LEU C 100 -0.95 -32.76 16.74
N ILE C 101 -0.35 -33.88 16.34
CA ILE C 101 -0.54 -35.16 17.03
C ILE C 101 0.79 -35.79 17.40
N ILE C 102 1.04 -35.90 18.70
CA ILE C 102 2.29 -36.47 19.19
C ILE C 102 2.06 -37.79 19.93
N ARG C 103 2.97 -38.74 19.74
CA ARG C 103 2.80 -40.07 20.31
C ARG C 103 4.03 -40.54 21.08
N GLY C 104 3.86 -40.76 22.38
CA GLY C 104 4.96 -41.15 23.24
C GLY C 104 5.26 -42.65 23.34
N THR C 105 6.54 -42.96 23.49
CA THR C 105 6.98 -44.29 23.88
C THR C 105 7.93 -44.10 25.06
N VAL C 106 7.52 -44.59 26.23
CA VAL C 106 8.27 -44.29 27.46
C VAL C 106 9.06 -45.48 27.99
N ARG C 107 10.39 -45.38 27.89
CA ARG C 107 11.29 -46.42 28.38
C ARG C 107 12.11 -45.87 29.54
N SER C 108 13.09 -46.63 30.01
CA SER C 108 13.89 -46.20 31.16
C SER C 108 15.38 -46.32 30.90
N ASP C 109 16.18 -45.68 31.76
CA ASP C 109 17.62 -45.81 31.71
C ASP C 109 17.97 -47.28 31.81
N THR C 110 17.13 -48.03 32.53
CA THR C 110 17.26 -49.48 32.60
C THR C 110 16.81 -50.09 31.27
N GLY C 111 15.92 -49.38 30.57
CA GLY C 111 15.54 -49.76 29.22
C GLY C 111 14.15 -50.33 29.01
N GLU C 112 13.48 -50.72 30.09
CA GLU C 112 12.15 -51.32 29.98
C GLU C 112 11.07 -50.27 29.76
N LEU C 113 10.16 -50.56 28.84
CA LEU C 113 9.05 -49.64 28.54
C LEU C 113 8.19 -49.40 29.77
N LEU C 114 7.95 -48.13 30.07
CA LEU C 114 7.28 -47.76 31.32
C LEU C 114 5.76 -47.64 31.19
N ALA C 115 5.06 -48.07 32.23
CA ALA C 115 3.61 -48.05 32.25
C ALA C 115 3.08 -47.10 33.34
N GLY C 116 1.99 -46.40 33.03
CA GLY C 116 1.37 -45.48 33.96
C GLY C 116 2.14 -44.18 34.10
N ALA C 117 3.06 -43.94 33.16
CA ALA C 117 3.86 -42.73 33.19
C ALA C 117 3.00 -41.50 32.92
N VAL C 118 3.09 -40.52 33.82
CA VAL C 118 2.33 -39.28 33.67
C VAL C 118 3.20 -38.18 33.07
N ILE C 119 2.79 -37.68 31.90
CA ILE C 119 3.53 -36.63 31.23
C ILE C 119 2.71 -35.34 31.16
N ASP C 120 3.21 -34.29 31.83
CA ASP C 120 2.53 -33.01 31.81
C ASP C 120 2.97 -32.21 30.60
N VAL C 121 2.02 -31.87 29.74
CA VAL C 121 2.31 -31.13 28.51
C VAL C 121 1.71 -29.73 28.54
N TRP C 122 2.50 -28.74 28.15
CA TRP C 122 1.99 -27.38 28.01
C TRP C 122 2.66 -26.64 26.85
N HIS C 123 1.85 -25.94 26.05
CA HIS C 123 2.39 -25.14 24.94
C HIS C 123 1.57 -23.88 24.68
N SER C 124 2.14 -22.98 23.87
CA SER C 124 1.52 -21.69 23.58
C SER C 124 0.35 -21.76 22.61
N THR C 125 -0.51 -20.75 22.67
CA THR C 125 -1.55 -20.57 21.67
C THR C 125 -0.89 -20.12 20.38
N PRO C 126 -1.59 -20.22 19.25
CA PRO C 126 -1.06 -19.65 18.01
C PRO C 126 -0.74 -18.17 18.18
N ASP C 127 -1.38 -17.53 19.16
CA ASP C 127 -1.18 -16.12 19.44
C ASP C 127 0.18 -15.84 20.06
N GLY C 128 0.74 -16.85 20.72
CA GLY C 128 1.99 -16.69 21.44
C GLY C 128 1.77 -16.66 22.95
N LEU C 129 0.50 -16.53 23.34
CA LEU C 129 0.12 -16.52 24.76
C LEU C 129 0.11 -17.92 25.36
N TYR C 130 0.24 -17.99 26.69
CA TYR C 130 0.32 -19.27 27.39
C TYR C 130 -0.84 -19.49 28.37
N SER C 131 -1.13 -20.75 28.64
CA SER C 131 -2.20 -21.13 29.55
C SER C 131 -2.01 -20.59 30.96
N GLY C 132 -3.06 -19.97 31.50
CA GLY C 132 -3.03 -19.47 32.86
C GLY C 132 -2.34 -18.13 33.00
N ILE C 133 -1.15 -18.01 32.40
CA ILE C 133 -0.38 -16.78 32.49
C ILE C 133 -1.11 -15.60 31.86
N HIS C 134 -1.75 -15.85 30.72
CA HIS C 134 -2.48 -14.82 30.01
C HIS C 134 -3.94 -15.10 30.00
N ILE C 137 -7.22 -16.03 29.87
CA ILE C 137 -6.42 -17.12 29.32
C ILE C 137 -6.51 -18.36 30.20
N PRO C 138 -7.62 -19.08 30.14
CA PRO C 138 -7.91 -20.13 31.13
C PRO C 138 -6.80 -21.18 31.24
N VAL C 139 -6.51 -21.57 32.48
CA VAL C 139 -5.34 -22.34 32.86
C VAL C 139 -5.33 -23.78 32.34
N ASP C 140 -6.50 -24.41 32.25
CA ASP C 140 -6.57 -25.78 31.78
C ASP C 140 -6.43 -25.89 30.27
N TYR C 141 -6.89 -24.87 29.55
CA TYR C 141 -6.73 -24.82 28.11
C TYR C 141 -5.26 -24.66 27.75
N TYR C 142 -4.81 -25.41 26.75
CA TYR C 142 -3.42 -25.37 26.29
C TYR C 142 -2.44 -25.86 27.36
N ARG C 143 -2.91 -26.80 28.17
CA ARG C 143 -2.07 -27.48 29.14
C ARG C 143 -2.67 -28.86 29.36
N GLY C 144 -1.93 -29.77 29.95
CA GLY C 144 -2.47 -31.09 30.23
C GLY C 144 -1.46 -32.17 30.56
N LYS C 145 -1.97 -33.32 30.98
CA LYS C 145 -1.13 -34.46 31.33
C LYS C 145 -1.56 -35.73 30.60
N LEU C 146 -0.57 -36.47 30.10
CA LEU C 146 -0.83 -37.68 29.33
C LEU C 146 -0.34 -38.92 30.08
N VAL C 147 -1.27 -39.73 30.56
CA VAL C 147 -0.93 -40.92 31.32
C VAL C 147 -0.55 -42.08 30.42
N THR C 148 0.67 -42.59 30.60
CA THR C 148 1.17 -43.63 29.71
C THR C 148 0.37 -44.92 29.83
N ASP C 149 0.05 -45.51 28.68
CA ASP C 149 -0.67 -46.78 28.65
C ASP C 149 0.23 -47.89 29.14
N SER C 150 -0.36 -48.97 29.63
CA SER C 150 0.44 -50.09 30.12
C SER C 150 1.26 -50.55 28.94
N GLN C 151 0.62 -50.56 27.77
CA GLN C 151 1.33 -50.68 26.51
C GLN C 151 2.21 -49.43 26.42
N GLY C 152 1.64 -48.30 26.85
CA GLY C 152 2.35 -47.05 26.87
C GLY C 152 3.00 -46.61 25.56
N ASN C 153 2.27 -46.61 24.44
CA ASN C 153 0.80 -46.71 24.34
C ASN C 153 0.05 -45.43 24.72
N TYR C 154 0.79 -44.33 24.84
CA TYR C 154 0.19 -43.00 24.99
C TYR C 154 0.29 -42.09 23.78
N ARG C 155 -0.78 -41.34 23.54
CA ARG C 155 -0.80 -40.27 22.55
C ARG C 155 -2.03 -39.37 22.73
N VAL C 156 -1.95 -38.14 22.23
CA VAL C 156 -3.05 -37.20 22.33
C VAL C 156 -2.97 -36.11 21.25
N ARG C 157 -4.05 -35.37 21.05
CA ARG C 157 -4.11 -34.35 20.00
C ARG C 157 -4.27 -32.91 20.51
N THR C 158 -3.48 -32.00 19.94
CA THR C 158 -3.51 -30.60 20.36
C THR C 158 -3.45 -29.66 19.16
N THR C 159 -3.36 -28.36 19.44
CA THR C 159 -3.15 -27.35 18.40
C THR C 159 -1.65 -27.18 18.22
N MET C 160 -1.23 -26.16 17.47
CA MET C 160 0.20 -25.90 17.31
C MET C 160 0.62 -24.53 17.83
N PRO C 161 1.79 -24.48 18.48
CA PRO C 161 2.40 -23.25 19.01
C PRO C 161 3.08 -22.39 17.95
N VAL C 162 3.01 -21.07 18.13
CA VAL C 162 3.78 -20.14 17.32
C VAL C 162 5.12 -19.86 18.00
N PRO C 163 6.12 -19.44 17.22
CA PRO C 163 7.29 -18.88 17.89
C PRO C 163 6.88 -17.56 18.53
N TYR C 164 7.55 -17.18 19.60
CA TYR C 164 7.23 -15.97 20.32
C TYR C 164 8.49 -15.49 21.01
N GLN C 165 8.37 -14.46 21.84
CA GLN C 165 9.57 -13.89 22.46
C GLN C 165 9.52 -13.80 23.98
N ILE C 166 10.54 -13.17 24.53
CA ILE C 166 10.80 -13.15 25.96
C ILE C 166 10.74 -11.69 26.34
N PRO C 167 10.62 -11.37 27.63
CA PRO C 167 10.39 -9.94 27.85
C PRO C 167 11.49 -9.15 27.15
N TYR C 168 11.07 -8.33 26.19
CA TYR C 168 11.99 -7.53 25.40
C TYR C 168 12.03 -6.07 25.81
N GLU C 169 11.11 -5.69 26.70
CA GLU C 169 11.00 -4.30 27.11
C GLU C 169 12.00 -3.99 28.20
N GLY C 170 12.46 -5.05 28.87
CA GLY C 170 13.47 -4.92 29.90
C GLY C 170 14.85 -4.64 29.35
N PRO C 171 15.82 -4.41 30.25
CA PRO C 171 17.22 -4.18 29.86
C PRO C 171 17.90 -5.42 29.26
N THR C 172 17.33 -6.61 29.45
CA THR C 172 17.94 -7.80 28.87
C THR C 172 17.62 -7.96 27.39
N GLY C 173 16.43 -7.52 26.98
CA GLY C 173 16.11 -7.46 25.57
C GLY C 173 17.04 -6.47 24.89
N ARG C 174 17.21 -5.31 25.52
CA ARG C 174 18.05 -4.23 24.99
C ARG C 174 19.51 -4.66 24.80
N LEU C 175 20.02 -5.51 25.69
CA LEU C 175 21.36 -6.05 25.54
C LEU C 175 21.37 -7.13 24.47
N LEU C 176 20.32 -7.95 24.48
CA LEU C 176 20.17 -8.96 23.44
C LEU C 176 20.37 -8.30 22.09
N GLY C 177 19.70 -7.16 21.91
CA GLY C 177 19.89 -6.36 20.71
C GLY C 177 21.34 -5.97 20.56
N HIS C 178 21.89 -5.31 21.59
CA HIS C 178 23.29 -4.86 21.56
C HIS C 178 24.18 -6.00 21.09
N LEU C 179 23.97 -7.17 21.67
CA LEU C 179 24.79 -8.34 21.39
C LEU C 179 24.67 -8.80 19.94
N GLY C 180 23.77 -8.19 19.18
CA GLY C 180 23.54 -8.61 17.82
C GLY C 180 22.56 -9.77 17.76
N SER C 181 21.61 -9.79 18.69
CA SER C 181 20.58 -10.81 18.69
C SER C 181 19.18 -10.20 18.79
N HIS C 182 18.21 -11.08 18.98
CA HIS C 182 16.81 -10.70 19.06
C HIS C 182 16.23 -11.27 20.34
N THR C 183 14.96 -10.99 20.59
CA THR C 183 14.26 -11.55 21.76
C THR C 183 13.42 -12.78 21.42
N TRP C 184 13.48 -13.22 20.17
CA TRP C 184 12.64 -14.33 19.69
C TRP C 184 13.13 -15.74 20.03
N ARG C 185 12.19 -16.67 20.15
CA ARG C 185 12.48 -18.09 20.36
C ARG C 185 11.61 -18.94 19.43
N PRO C 186 12.15 -20.06 18.93
CA PRO C 186 11.45 -20.92 17.97
C PRO C 186 10.23 -21.63 18.57
N ALA C 187 9.22 -21.89 17.73
CA ALA C 187 8.01 -22.56 18.16
C ALA C 187 8.30 -23.93 18.76
N HIS C 188 7.67 -24.24 19.89
CA HIS C 188 7.95 -25.48 20.60
C HIS C 188 6.77 -26.00 21.40
N VAL C 189 6.83 -27.30 21.71
CA VAL C 189 5.91 -27.91 22.66
C VAL C 189 6.71 -28.38 23.87
N HIS C 190 6.23 -28.05 25.07
CA HIS C 190 6.93 -28.35 26.31
C HIS C 190 6.57 -29.72 26.86
N PHE C 191 7.53 -30.41 27.47
CA PHE C 191 7.29 -31.72 28.05
C PHE C 191 7.92 -31.89 29.43
N LYS C 192 7.16 -32.42 30.38
CA LYS C 192 7.69 -32.84 31.66
C LYS C 192 7.26 -34.27 31.98
N VAL C 193 8.21 -35.19 32.00
CA VAL C 193 7.91 -36.59 32.26
C VAL C 193 8.26 -36.97 33.69
N ARG C 194 7.26 -37.42 34.45
CA ARG C 194 7.44 -37.74 35.85
C ARG C 194 6.66 -38.97 36.30
N LYS C 195 7.30 -39.79 37.11
CA LYS C 195 6.66 -40.92 37.76
C LYS C 195 7.13 -40.95 39.21
N ASP C 196 6.43 -41.70 40.06
CA ASP C 196 6.88 -41.85 41.44
C ASP C 196 8.09 -42.78 41.49
N GLY C 197 9.15 -42.32 42.14
CA GLY C 197 10.37 -43.09 42.28
C GLY C 197 11.29 -43.02 41.08
N PHE C 198 10.91 -42.22 40.08
CA PHE C 198 11.74 -42.08 38.89
C PHE C 198 12.06 -40.63 38.55
N GLU C 199 13.34 -40.36 38.32
CA GLU C 199 13.83 -39.00 38.13
C GLU C 199 13.02 -38.23 37.10
N PRO C 200 12.58 -37.02 37.45
CA PRO C 200 11.80 -36.17 36.57
C PRO C 200 12.57 -35.85 35.30
N LEU C 201 11.88 -35.83 34.16
CA LEU C 201 12.51 -35.45 32.90
C LEU C 201 11.69 -34.35 32.24
N THR C 202 12.28 -33.16 32.16
CA THR C 202 11.65 -32.01 31.50
C THR C 202 12.43 -31.60 30.26
N THR C 203 11.72 -31.38 29.17
CA THR C 203 12.33 -31.03 27.88
C THR C 203 11.28 -30.35 26.99
N GLN C 204 11.73 -29.75 25.89
CA GLN C 204 10.81 -29.23 24.89
C GLN C 204 11.26 -29.59 23.47
N TYR C 205 10.33 -29.59 22.53
CA TYR C 205 10.62 -30.01 21.16
C TYR C 205 10.34 -28.97 20.08
N TYR C 206 11.11 -29.06 18.99
CA TYR C 206 11.02 -28.08 17.91
C TYR C 206 10.66 -28.72 16.59
N PHE C 207 10.19 -27.88 15.67
CA PHE C 207 9.86 -28.31 14.32
C PHE C 207 10.97 -27.82 13.41
N GLU C 208 11.45 -28.70 12.53
CA GLU C 208 12.59 -28.36 11.68
C GLU C 208 12.28 -27.19 10.75
N GLY C 209 11.03 -27.07 10.35
CA GLY C 209 10.62 -26.00 9.45
C GLY C 209 10.70 -24.61 10.07
N GLY C 210 10.06 -24.46 11.23
CA GLY C 210 9.89 -23.15 11.85
C GLY C 210 11.12 -22.30 12.02
N LYS C 211 10.95 -20.99 11.82
CA LYS C 211 12.04 -20.02 11.97
C LYS C 211 12.48 -19.92 13.43
N TRP C 212 13.67 -19.36 13.64
CA TRP C 212 14.22 -19.17 14.97
C TRP C 212 14.84 -20.44 15.54
N VAL C 213 14.62 -21.56 14.87
CA VAL C 213 15.25 -22.81 15.27
C VAL C 213 16.76 -22.77 15.03
N ASP C 214 17.16 -22.07 13.97
CA ASP C 214 18.57 -21.92 13.63
C ASP C 214 19.26 -20.85 14.48
N ASP C 215 18.49 -19.85 14.89
CA ASP C 215 18.96 -18.84 15.82
C ASP C 215 17.93 -18.68 16.91
N ASP C 216 18.30 -19.08 18.13
CA ASP C 216 17.42 -18.95 19.29
C ASP C 216 18.13 -18.14 20.35
N CYS C 217 17.48 -17.06 20.80
CA CYS C 217 18.12 -16.16 21.75
C CYS C 217 18.43 -16.90 23.05
N CYS C 218 17.68 -17.95 23.33
CA CYS C 218 17.90 -18.73 24.55
C CYS C 218 18.74 -20.01 24.36
N HIS C 219 19.11 -20.33 23.12
CA HIS C 219 19.89 -21.54 22.85
C HIS C 219 19.33 -22.76 23.58
N GLY C 220 18.04 -22.99 23.40
CA GLY C 220 17.39 -24.15 23.98
C GLY C 220 17.14 -25.21 22.92
N VAL C 221 17.80 -25.07 21.78
CA VAL C 221 17.57 -25.96 20.65
C VAL C 221 18.78 -26.86 20.33
N THR C 222 18.52 -28.15 20.19
CA THR C 222 19.53 -29.15 19.91
C THR C 222 19.01 -30.11 18.84
N PRO C 223 19.93 -30.77 18.11
CA PRO C 223 19.56 -31.66 17.00
C PRO C 223 18.62 -32.79 17.42
N ASP C 224 18.79 -33.32 18.62
CA ASP C 224 17.90 -34.35 19.14
C ASP C 224 16.49 -33.80 19.40
N LEU C 225 16.42 -32.49 19.59
CA LEU C 225 15.15 -31.83 19.93
C LEU C 225 14.36 -31.32 18.73
N ILE C 226 14.95 -31.32 17.55
CA ILE C 226 14.25 -30.81 16.38
C ILE C 226 13.55 -31.97 15.69
N THR C 227 12.23 -32.02 15.82
CA THR C 227 11.47 -33.11 15.22
C THR C 227 11.48 -33.05 13.70
N PRO C 228 11.63 -34.20 13.05
CA PRO C 228 11.55 -34.26 11.60
C PRO C 228 10.15 -33.81 11.18
N GLU C 229 10.02 -33.27 9.98
CA GLU C 229 8.73 -32.77 9.54
C GLU C 229 7.98 -33.87 8.79
N THR C 230 6.93 -34.39 9.44
CA THR C 230 6.16 -35.49 8.88
C THR C 230 4.67 -35.27 9.13
N ILE C 231 3.89 -35.33 8.07
CA ILE C 231 2.46 -35.05 8.17
C ILE C 231 1.62 -36.26 7.79
N GLU C 232 0.60 -36.54 8.59
CA GLU C 232 -0.36 -37.58 8.29
C GLU C 232 -1.72 -36.97 7.99
N ASP C 233 -2.30 -37.34 6.85
CA ASP C 233 -3.59 -36.80 6.44
C ASP C 233 -3.64 -35.28 6.55
N ARG C 236 0.34 -32.33 11.02
CA ARG C 236 1.69 -32.58 11.53
C ARG C 236 1.67 -33.68 12.59
N VAL C 237 2.81 -34.35 12.76
CA VAL C 237 2.95 -35.39 13.77
C VAL C 237 4.37 -35.45 14.27
N MET C 238 4.53 -35.75 15.56
CA MET C 238 5.84 -35.88 16.17
C MET C 238 5.96 -37.18 16.95
N THR C 239 6.86 -38.07 16.51
CA THR C 239 7.12 -39.30 17.25
C THR C 239 8.26 -39.06 18.23
N LEU C 240 7.97 -39.21 19.52
CA LEU C 240 8.98 -39.02 20.55
C LEU C 240 8.95 -40.16 21.55
N ASP C 241 10.10 -40.82 21.72
CA ASP C 241 10.26 -41.86 22.72
C ASP C 241 11.28 -41.40 23.74
N PHE C 242 10.85 -41.24 24.99
CA PHE C 242 11.68 -40.64 26.03
C PHE C 242 12.28 -41.65 27.00
N VAL C 243 13.48 -41.34 27.50
CA VAL C 243 14.17 -42.19 28.46
C VAL C 243 14.32 -41.51 29.83
N ILE C 244 14.05 -42.24 30.90
CA ILE C 244 14.04 -41.66 32.23
C ILE C 244 14.80 -42.46 33.31
N GLU C 245 15.76 -41.80 33.95
CA GLU C 245 16.48 -42.35 35.09
C GLU C 245 15.51 -42.47 36.27
N ARG C 246 15.85 -43.26 37.29
CA ARG C 246 17.16 -43.88 37.47
C ARG C 246 17.34 -45.13 36.60
#